data_6M4H
#
_entry.id   6M4H
#
_cell.length_a   1.00
_cell.length_b   1.00
_cell.length_c   1.00
_cell.angle_alpha   90.00
_cell.angle_beta   90.00
_cell.angle_gamma   90.00
#
_symmetry.space_group_name_H-M   'P 1'
#
loop_
_entity.id
_entity.type
_entity.pdbx_description
1 polymer 'DNA (103-MER)'
2 polymer 'DNA (103-MER)'
3 polymer 'Histone H3.1'
4 polymer 'Histone H4'
5 polymer 'Histone H2A-Bbd type 2/3'
6 polymer 'Histone H2B type 2-E'
#
loop_
_entity_poly.entity_id
_entity_poly.type
_entity_poly.pdbx_seq_one_letter_code
_entity_poly.pdbx_strand_id
1 'polydeoxyribonucleotide'
;(DA)(DT)(DC)(DG)(DG)(DA)(DT)(DG)(DT)(DA)(DT)(DA)(DT)(DA)(DT)(DC)(DT)(DG)(DA)(DC)
(DA)(DC)(DG)(DT)(DG)(DC)(DC)(DT)(DG)(DG)(DA)(DG)(DA)(DC)(DT)(DA)(DG)(DG)(DG)(DA)
(DG)(DT)(DA)(DA)(DT)(DC)(DC)(DC)(DC)(DT)(DT)(DG)(DG)(DC)(DG)(DG)(DT)(DT)(DA)(DA)
(DA)(DA)(DC)(DG)(DC)(DG)(DG)(DG)(DG)(DG)(DA)(DC)(DA)(DG)(DC)(DG)(DC)(DG)(DT)(DA)
(DC)(DG)(DT)(DG)(DC)(DG)(DT)(DT)(DT)(DA)(DA)(DG)(DC)(DG)(DG)(DT)(DG)(DC)(DT)(DA)
(DG)(DA)(DG)(DC)(DT)(DG)(DT)(DC)(DT)(DA)(DC)(DG)(DA)(DC)(DC)(DA)(DA)(DT)(DT)(DG)
(DA)(DG)(DC)(DG)(DG)(DC)(DC)(DT)(DC)(DG)(DG)(DC)(DA)(DC)(DC)(DG)(DG)(DG)(DA)(DT)
(DT)(DC)(DT)(DC)(DG)(DA)(DT)
;
I
2 'polydeoxyribonucleotide'
;(DA)(DT)(DC)(DG)(DA)(DG)(DA)(DA)(DT)(DC)(DC)(DC)(DG)(DG)(DT)(DG)(DC)(DC)(DG)(DA)
(DG)(DG)(DC)(DC)(DG)(DC)(DT)(DC)(DA)(DA)(DT)(DT)(DG)(DG)(DT)(DC)(DG)(DT)(DA)(DG)
(DA)(DC)(DA)(DG)(DC)(DT)(DC)(DT)(DA)(DG)(DC)(DA)(DC)(DC)(DG)(DC)(DT)(DT)(DA)(DA)
(DA)(DC)(DG)(DC)(DA)(DC)(DG)(DT)(DA)(DC)(DG)(DC)(DG)(DC)(DT)(DG)(DT)(DC)(DC)(DC)
(DC)(DC)(DG)(DC)(DG)(DT)(DT)(DT)(DT)(DA)(DA)(DC)(DC)(DG)(DC)(DC)(DA)(DA)(DG)(DG)
(DG)(DG)(DA)(DT)(DT)(DA)(DC)(DT)(DC)(DC)(DC)(DT)(DA)(DG)(DT)(DC)(DT)(DC)(DC)(DA)
(DG)(DG)(DC)(DA)(DC)(DG)(DT)(DG)(DT)(DC)(DA)(DG)(DA)(DT)(DA)(DT)(DA)(DT)(DA)(DC)
(DA)(DT)(DC)(DC)(DG)(DA)(DT)
;
J
3 'polypeptide(L)'
;MARTKQTARKSTGGKAPRKQLATKAARKSAPATGGVKKPHRYRPGTVALREIRRYQKSTELLIRKLPFQRLVREIAQDFK
TDLRFQSSAVMALQEACEAYLVGLFEDTNLCAIHAKRVTIMPKDIQLARRIRGERA
;
A,E
4 'polypeptide(L)'
;MSGRGKGGKGLGKGGAKRHRKVLRDNIQGITKPAIRRLARRGGVKRISGLIYEETRGVLKVFLENVIRDAVTYTEHAKRK
TVTAMDVVYALKRQGRTLYGFGG
;
B,F
5 'polypeptide(L)'
;MPRRRRRRGSSGAGGRGRTCSRTVRAELSFSVSQVERSLREGHYAQRLSRTAPVYLAAVIEYLTAKVLELAGNEAQNSGE
RNITPLLLDMVVHNDRLLSTLFNTTTISQVAPGED
;
C,G
6 'polypeptide(L)'
;MPEPAKSAPAPKKGSKKAVTKAQKKDGKKRKRSRKESYSIYVYKVLKQVHPDTGISSKAMGIMNSFVNDIFERIAGEASR
LAHYNKRSTITSREIQTAVRLLLPGELAKHAVSEGTKAVTKYTSSK
;
D,H
#
# COMPACT_ATOMS: atom_id res chain seq x y z
N LEU C 61 8.68 -26.78 0.03
CA LEU C 61 9.55 -25.73 -0.49
C LEU C 61 10.31 -26.30 -1.70
N LEU C 62 10.86 -25.41 -2.52
CA LEU C 62 11.56 -25.82 -3.73
C LEU C 62 13.03 -25.46 -3.74
N ILE C 63 13.45 -24.49 -2.96
CA ILE C 63 14.85 -24.14 -2.79
C ILE C 63 15.38 -24.88 -1.57
N ARG C 64 16.62 -25.33 -1.64
CA ARG C 64 17.20 -26.05 -0.51
C ARG C 64 17.44 -25.07 0.63
N LYS C 65 17.21 -25.55 1.86
CA LYS C 65 17.12 -24.66 3.01
C LYS C 65 18.47 -24.13 3.45
N LEU C 66 19.51 -24.95 3.37
CA LEU C 66 20.79 -24.50 3.90
C LEU C 66 21.48 -23.50 2.99
N PRO C 67 21.43 -23.64 1.66
CA PRO C 67 21.93 -22.55 0.81
C PRO C 67 21.09 -21.29 0.87
N PHE C 68 19.80 -21.40 1.19
CA PHE C 68 19.00 -20.20 1.34
C PHE C 68 19.31 -19.50 2.66
N GLN C 69 19.70 -20.27 3.68
CA GLN C 69 20.10 -19.65 4.93
C GLN C 69 21.48 -19.02 4.78
N ARG C 70 22.35 -19.62 3.97
CA ARG C 70 23.62 -18.97 3.71
C ARG C 70 23.41 -17.69 2.92
N LEU C 71 22.42 -17.68 2.03
CA LEU C 71 22.15 -16.48 1.24
C LEU C 71 21.60 -15.37 2.12
N VAL C 72 20.70 -15.70 3.05
CA VAL C 72 20.16 -14.65 3.92
C VAL C 72 21.24 -14.15 4.86
N ARG C 73 22.10 -15.04 5.35
CA ARG C 73 23.13 -14.61 6.29
C ARG C 73 24.32 -13.96 5.61
N GLU C 74 24.37 -13.98 4.28
CA GLU C 74 25.37 -13.20 3.57
C GLU C 74 24.80 -11.93 2.95
N ILE C 75 23.48 -11.84 2.84
CA ILE C 75 22.85 -10.57 2.46
C ILE C 75 22.68 -9.68 3.67
N ALA C 76 22.24 -10.23 4.81
CA ALA C 76 22.03 -9.40 5.99
C ALA C 76 23.33 -8.93 6.62
N GLN C 77 24.47 -9.49 6.21
CA GLN C 77 25.73 -9.06 6.81
C GLN C 77 26.07 -7.63 6.41
N ASP C 78 25.56 -7.16 5.27
CA ASP C 78 25.83 -5.80 4.81
C ASP C 78 25.04 -4.77 5.59
N PHE C 79 24.06 -5.18 6.40
CA PHE C 79 23.18 -4.28 7.11
C PHE C 79 23.55 -4.14 8.57
N LYS C 80 23.79 -5.27 9.25
CA LYS C 80 24.33 -5.26 10.61
C LYS C 80 25.16 -6.51 10.78
N THR C 81 26.41 -6.34 11.20
CA THR C 81 27.29 -7.49 11.33
C THR C 81 26.93 -8.29 12.58
N ASP C 82 27.19 -9.59 12.52
CA ASP C 82 26.97 -10.52 13.62
C ASP C 82 25.50 -10.48 14.07
N LEU C 83 24.62 -10.86 13.16
CA LEU C 83 23.22 -11.06 13.50
C LEU C 83 22.90 -12.54 13.64
N ARG C 84 21.85 -12.81 14.40
CA ARG C 84 21.27 -14.13 14.55
C ARG C 84 19.86 -14.13 14.00
N PHE C 85 19.45 -15.26 13.45
CA PHE C 85 18.11 -15.41 12.88
C PHE C 85 17.38 -16.52 13.62
N GLN C 86 16.09 -16.32 13.85
CA GLN C 86 15.28 -17.43 14.35
C GLN C 86 15.14 -18.50 13.28
N SER C 87 14.82 -19.71 13.72
CA SER C 87 14.68 -20.79 12.75
C SER C 87 13.43 -20.62 11.91
N SER C 88 12.46 -19.83 12.38
CA SER C 88 11.25 -19.61 11.60
C SER C 88 11.30 -18.32 10.80
N ALA C 89 12.29 -17.46 11.05
CA ALA C 89 12.44 -16.26 10.23
C ALA C 89 12.99 -16.65 8.87
N VAL C 90 13.90 -17.62 8.85
CA VAL C 90 14.48 -18.07 7.60
C VAL C 90 13.43 -18.84 6.80
N MET C 91 12.55 -19.59 7.48
CA MET C 91 11.51 -20.27 6.73
C MET C 91 10.43 -19.31 6.27
N ALA C 92 10.23 -18.19 6.98
CA ALA C 92 9.29 -17.20 6.47
C ALA C 92 9.88 -16.48 5.27
N LEU C 93 11.20 -16.24 5.30
CA LEU C 93 11.83 -15.63 4.13
C LEU C 93 11.89 -16.60 2.96
N GLN C 94 12.03 -17.89 3.21
CA GLN C 94 12.11 -18.81 2.10
C GLN C 94 10.72 -19.06 1.52
N GLU C 95 9.69 -19.08 2.37
CA GLU C 95 8.31 -19.20 1.90
C GLU C 95 7.91 -17.96 1.13
N ALA C 96 8.41 -16.80 1.55
CA ALA C 96 7.99 -15.60 0.84
C ALA C 96 8.77 -15.48 -0.46
N CYS C 97 10.02 -15.96 -0.50
CA CYS C 97 10.78 -15.86 -1.73
C CYS C 97 10.31 -16.86 -2.77
N GLU C 98 9.88 -18.05 -2.38
CA GLU C 98 9.34 -18.87 -3.45
C GLU C 98 7.96 -18.40 -3.84
N ALA C 99 7.19 -17.83 -2.90
CA ALA C 99 5.90 -17.29 -3.31
C ALA C 99 6.06 -16.03 -4.14
N TYR C 100 7.24 -15.41 -4.10
CA TYR C 100 7.55 -14.31 -5.00
C TYR C 100 8.00 -14.82 -6.36
N LEU C 101 8.87 -15.83 -6.39
CA LEU C 101 9.41 -16.29 -7.66
C LEU C 101 8.38 -17.01 -8.49
N VAL C 102 7.48 -17.79 -7.88
CA VAL C 102 6.43 -18.41 -8.70
C VAL C 102 5.50 -17.36 -9.26
N GLY C 103 5.15 -16.34 -8.46
CA GLY C 103 4.31 -15.28 -8.98
C GLY C 103 5.02 -14.41 -9.99
N LEU C 104 6.35 -14.44 -10.00
CA LEU C 104 7.10 -13.75 -11.04
C LEU C 104 7.15 -14.57 -12.32
N PHE C 105 7.33 -15.89 -12.20
CA PHE C 105 7.38 -16.70 -13.41
C PHE C 105 6.01 -16.93 -14.00
N GLU C 106 4.95 -16.60 -13.27
CA GLU C 106 3.63 -16.68 -13.88
C GLU C 106 3.38 -15.50 -14.80
N ASP C 107 3.96 -14.34 -14.50
CA ASP C 107 3.89 -13.23 -15.44
C ASP C 107 5.01 -13.29 -16.49
N THR C 108 6.13 -13.95 -16.20
CA THR C 108 7.13 -14.13 -17.23
C THR C 108 6.61 -15.10 -18.30
N ASN C 109 5.84 -16.11 -17.88
CA ASN C 109 5.30 -17.02 -18.87
C ASN C 109 4.21 -16.33 -19.70
N LEU C 110 3.54 -15.34 -19.12
CA LEU C 110 2.58 -14.58 -19.89
C LEU C 110 3.30 -13.67 -20.88
N CYS C 111 4.44 -13.13 -20.49
CA CYS C 111 5.19 -12.29 -21.40
C CYS C 111 5.90 -13.11 -22.47
N ALA C 112 6.15 -14.39 -22.20
CA ALA C 112 6.75 -15.24 -23.22
C ALA C 112 5.70 -15.78 -24.18
N ILE C 113 4.50 -16.07 -23.68
CA ILE C 113 3.44 -16.44 -24.60
C ILE C 113 3.02 -15.24 -25.43
N HIS C 114 3.15 -14.03 -24.88
CA HIS C 114 2.70 -12.85 -25.59
C HIS C 114 3.53 -12.61 -26.85
N ALA C 115 4.78 -13.04 -26.85
CA ALA C 115 5.64 -12.94 -28.01
C ALA C 115 5.58 -14.15 -28.92
N LYS C 116 4.60 -15.03 -28.70
CA LYS C 116 4.46 -16.27 -29.46
C LYS C 116 5.72 -17.12 -29.29
N ARG C 117 6.05 -17.39 -28.04
CA ARG C 117 7.16 -18.26 -27.69
C ARG C 117 6.75 -19.19 -26.56
N VAL C 118 7.60 -20.17 -26.31
CA VAL C 118 7.46 -21.06 -25.16
C VAL C 118 8.62 -20.86 -24.17
N THR C 119 9.83 -20.70 -24.68
CA THR C 119 10.98 -20.47 -23.84
C THR C 119 10.92 -19.09 -23.23
N ILE C 120 11.07 -19.00 -21.91
CA ILE C 120 11.17 -17.69 -21.28
C ILE C 120 12.61 -17.21 -21.38
N MET C 121 12.76 -15.91 -21.54
CA MET C 121 14.06 -15.27 -21.75
C MET C 121 14.22 -14.15 -20.74
N PRO C 122 15.43 -13.63 -20.54
CA PRO C 122 15.61 -12.60 -19.51
C PRO C 122 14.87 -11.33 -19.83
N LYS C 123 14.51 -11.09 -21.08
CA LYS C 123 13.72 -9.91 -21.38
C LYS C 123 12.28 -10.09 -20.95
N ASP C 124 11.87 -11.32 -20.63
CA ASP C 124 10.52 -11.53 -20.15
C ASP C 124 10.44 -11.24 -18.66
N ILE C 125 11.51 -11.56 -17.93
CA ILE C 125 11.59 -11.17 -16.52
C ILE C 125 11.74 -9.65 -16.44
N GLN C 126 12.50 -9.07 -17.35
CA GLN C 126 12.68 -7.62 -17.31
C GLN C 126 11.40 -6.89 -17.67
N LEU C 127 10.57 -7.46 -18.55
CA LEU C 127 9.30 -6.81 -18.83
C LEU C 127 8.32 -7.01 -17.69
N ALA C 128 8.30 -8.20 -17.10
CA ALA C 128 7.38 -8.45 -16.01
C ALA C 128 7.76 -7.68 -14.76
N ARG C 129 9.01 -7.24 -14.64
CA ARG C 129 9.39 -6.39 -13.53
C ARG C 129 9.29 -4.92 -13.84
N ARG C 130 9.40 -4.52 -15.12
CA ARG C 130 9.24 -3.10 -15.41
C ARG C 130 7.75 -2.72 -15.41
N ILE C 131 6.88 -3.62 -15.85
CA ILE C 131 5.45 -3.32 -15.80
C ILE C 131 4.97 -3.31 -14.36
N ARG C 132 5.50 -4.21 -13.53
CA ARG C 132 5.11 -4.28 -12.13
C ARG C 132 5.62 -3.09 -11.33
N GLY C 133 6.73 -2.49 -11.75
CA GLY C 133 7.23 -1.31 -11.08
C GLY C 133 8.43 -1.63 -10.22
N GLU C 134 9.33 -2.45 -10.73
CA GLU C 134 10.51 -2.87 -9.98
C GLU C 134 11.79 -2.48 -10.69
N ASN D 26 27.04 -17.79 -0.75
CA ASN D 26 26.95 -17.09 -2.02
C ASN D 26 25.54 -17.17 -2.58
N ILE D 27 25.28 -16.39 -3.64
CA ILE D 27 24.03 -16.53 -4.37
C ILE D 27 23.99 -17.80 -5.20
N GLN D 28 25.14 -18.46 -5.39
CA GLN D 28 25.18 -19.69 -6.18
C GLN D 28 24.47 -20.85 -5.51
N GLY D 29 24.02 -20.71 -4.26
CA GLY D 29 23.26 -21.78 -3.66
C GLY D 29 21.87 -21.92 -4.22
N ILE D 30 21.37 -20.89 -4.90
CA ILE D 30 20.11 -20.98 -5.61
C ILE D 30 20.42 -21.67 -6.92
N THR D 31 20.30 -22.98 -6.93
CA THR D 31 20.90 -23.79 -7.98
C THR D 31 20.06 -23.74 -9.26
N LYS D 32 20.58 -24.37 -10.30
CA LYS D 32 19.86 -24.44 -11.56
C LYS D 32 18.56 -25.21 -11.46
N PRO D 33 18.49 -26.39 -10.82
CA PRO D 33 17.21 -27.09 -10.77
C PRO D 33 16.24 -26.54 -9.75
N ALA D 34 16.68 -25.70 -8.82
CA ALA D 34 15.70 -25.07 -7.93
C ALA D 34 14.99 -23.92 -8.64
N ILE D 35 15.71 -23.19 -9.49
CA ILE D 35 15.05 -22.21 -10.33
C ILE D 35 14.18 -22.91 -11.36
N ARG D 36 14.62 -24.08 -11.83
CA ARG D 36 13.79 -24.81 -12.78
C ARG D 36 12.52 -25.32 -12.12
N ARG D 37 12.58 -25.72 -10.85
CA ARG D 37 11.36 -26.14 -10.15
C ARG D 37 10.45 -24.97 -9.87
N LEU D 38 11.01 -23.79 -9.63
CA LEU D 38 10.17 -22.62 -9.44
C LEU D 38 9.50 -22.21 -10.74
N ALA D 39 10.17 -22.45 -11.86
CA ALA D 39 9.57 -22.09 -13.14
C ALA D 39 8.55 -23.14 -13.57
N ARG D 40 8.80 -24.41 -13.24
CA ARG D 40 7.82 -25.45 -13.51
C ARG D 40 6.57 -25.26 -12.67
N ARG D 41 6.71 -24.73 -11.45
CA ARG D 41 5.53 -24.41 -10.66
C ARG D 41 4.88 -23.12 -11.17
N GLY D 42 5.67 -22.24 -11.77
CA GLY D 42 5.10 -21.05 -12.37
C GLY D 42 4.38 -21.29 -13.67
N GLY D 43 4.56 -22.47 -14.26
CA GLY D 43 3.91 -22.81 -15.50
C GLY D 43 4.78 -22.68 -16.72
N VAL D 44 6.09 -22.51 -16.55
CA VAL D 44 7.00 -22.37 -17.68
C VAL D 44 7.38 -23.74 -18.21
N LYS D 45 7.30 -23.90 -19.53
CA LYS D 45 7.57 -25.18 -20.16
C LYS D 45 9.05 -25.35 -20.47
N ARG D 46 9.72 -24.29 -20.91
CA ARG D 46 11.09 -24.35 -21.35
C ARG D 46 11.81 -23.09 -20.89
N ILE D 47 13.06 -23.25 -20.45
CA ILE D 47 13.81 -22.18 -19.79
C ILE D 47 15.09 -21.94 -20.58
N SER D 48 15.40 -20.67 -20.86
CA SER D 48 16.64 -20.38 -21.53
C SER D 48 17.83 -20.54 -20.58
N GLY D 49 19.03 -20.56 -21.15
CA GLY D 49 20.20 -20.78 -20.34
C GLY D 49 20.72 -19.57 -19.61
N LEU D 50 20.04 -18.43 -19.73
CA LEU D 50 20.44 -17.20 -19.06
C LEU D 50 19.45 -16.75 -18.01
N ILE D 51 18.32 -17.46 -17.84
CA ILE D 51 17.41 -17.16 -16.76
C ILE D 51 18.05 -17.39 -15.40
N TYR D 52 19.00 -18.31 -15.33
CA TYR D 52 19.49 -18.75 -14.03
C TYR D 52 20.23 -17.65 -13.30
N GLU D 53 21.04 -16.85 -14.00
CA GLU D 53 21.72 -15.74 -13.34
C GLU D 53 20.85 -14.50 -13.19
N GLU D 54 19.77 -14.39 -13.96
CA GLU D 54 18.88 -13.25 -13.80
C GLU D 54 17.96 -13.48 -12.61
N THR D 55 17.56 -14.73 -12.39
CA THR D 55 16.62 -15.01 -11.32
C THR D 55 17.32 -14.86 -9.98
N ARG D 56 18.62 -15.16 -9.94
CA ARG D 56 19.38 -14.94 -8.73
C ARG D 56 19.55 -13.45 -8.46
N GLY D 57 19.59 -12.65 -9.53
CA GLY D 57 19.69 -11.21 -9.37
C GLY D 57 18.39 -10.56 -9.02
N VAL D 58 17.27 -11.25 -9.28
CA VAL D 58 15.98 -10.76 -8.82
C VAL D 58 15.75 -11.18 -7.38
N LEU D 59 16.15 -12.42 -7.04
CA LEU D 59 15.99 -12.89 -5.68
C LEU D 59 16.89 -12.11 -4.73
N LYS D 60 18.07 -11.71 -5.19
CA LYS D 60 18.96 -10.96 -4.30
C LYS D 60 18.42 -9.56 -4.07
N VAL D 61 17.76 -8.98 -5.07
CA VAL D 61 17.15 -7.66 -4.86
C VAL D 61 15.96 -7.79 -3.93
N PHE D 62 15.19 -8.87 -4.04
CA PHE D 62 14.04 -9.04 -3.17
C PHE D 62 14.47 -9.24 -1.72
N LEU D 63 15.55 -10.02 -1.52
CA LEU D 63 16.04 -10.20 -0.17
C LEU D 63 16.73 -8.96 0.35
N GLU D 64 17.39 -8.19 -0.51
CA GLU D 64 17.99 -6.95 -0.03
C GLU D 64 16.94 -5.91 0.29
N ASN D 65 15.74 -6.05 -0.26
CA ASN D 65 14.69 -5.13 0.11
C ASN D 65 13.91 -5.57 1.34
N VAL D 66 13.81 -6.87 1.60
CA VAL D 66 13.03 -7.29 2.75
C VAL D 66 13.89 -7.41 4.01
N ILE D 67 15.13 -7.90 3.87
CA ILE D 67 16.01 -8.08 5.01
C ILE D 67 16.44 -6.73 5.56
N ARG D 68 16.48 -5.70 4.72
CA ARG D 68 16.82 -4.37 5.22
C ARG D 68 15.76 -3.90 6.20
N ASP D 69 14.50 -4.18 5.90
CA ASP D 69 13.42 -3.76 6.80
C ASP D 69 13.32 -4.68 8.00
N ALA D 70 13.69 -5.95 7.86
CA ALA D 70 13.66 -6.84 9.01
C ALA D 70 14.77 -6.48 9.98
N VAL D 71 15.93 -6.09 9.45
CA VAL D 71 17.03 -5.67 10.30
C VAL D 71 16.72 -4.31 10.90
N THR D 72 15.93 -3.50 10.21
CA THR D 72 15.54 -2.22 10.78
C THR D 72 14.59 -2.42 11.95
N TYR D 73 13.66 -3.38 11.82
CA TYR D 73 12.77 -3.64 12.95
C TYR D 73 13.53 -4.30 14.10
N THR D 74 14.56 -5.08 13.81
CA THR D 74 15.29 -5.69 14.92
C THR D 74 16.16 -4.67 15.63
N GLU D 75 16.84 -3.80 14.88
CA GLU D 75 17.62 -2.75 15.53
C GLU D 75 16.71 -1.77 16.25
N HIS D 76 15.47 -1.61 15.79
CA HIS D 76 14.55 -0.74 16.52
C HIS D 76 14.04 -1.41 17.79
N ALA D 77 13.94 -2.74 17.79
CA ALA D 77 13.48 -3.45 18.96
C ALA D 77 14.62 -3.80 19.90
N LYS D 78 15.81 -3.27 19.64
CA LYS D 78 16.98 -3.46 20.51
C LYS D 78 17.29 -4.94 20.70
N ARG D 79 17.04 -5.73 19.66
CA ARG D 79 17.36 -7.15 19.66
C ARG D 79 18.53 -7.42 18.73
N LYS D 80 19.02 -8.66 18.79
CA LYS D 80 20.03 -9.17 17.88
C LYS D 80 19.55 -10.40 17.13
N THR D 81 18.32 -10.83 17.35
CA THR D 81 17.75 -11.99 16.68
C THR D 81 16.55 -11.56 15.83
N VAL D 82 16.67 -11.72 14.52
CA VAL D 82 15.61 -11.36 13.60
C VAL D 82 14.50 -12.39 13.74
N THR D 83 13.41 -12.01 14.39
CA THR D 83 12.33 -12.96 14.59
C THR D 83 11.49 -13.07 13.33
N ALA D 84 10.46 -13.92 13.37
CA ALA D 84 9.64 -14.07 12.18
C ALA D 84 8.61 -12.96 12.05
N MET D 85 8.33 -12.23 13.12
CA MET D 85 7.39 -11.12 13.01
C MET D 85 8.04 -9.89 12.43
N ASP D 86 9.36 -9.80 12.51
CA ASP D 86 10.06 -8.74 11.80
C ASP D 86 10.03 -9.00 10.31
N VAL D 87 10.04 -10.27 9.93
CA VAL D 87 9.95 -10.62 8.51
C VAL D 87 8.52 -10.41 8.03
N VAL D 88 7.53 -10.70 8.88
CA VAL D 88 6.15 -10.44 8.49
C VAL D 88 5.90 -8.94 8.35
N TYR D 89 6.51 -8.12 9.21
CA TYR D 89 6.35 -6.68 9.08
C TYR D 89 7.10 -6.14 7.87
N ALA D 90 8.23 -6.74 7.52
CA ALA D 90 8.95 -6.29 6.35
C ALA D 90 8.19 -6.68 5.09
N LEU D 91 7.55 -7.83 5.08
CA LEU D 91 6.75 -8.18 3.93
C LEU D 91 5.44 -7.39 3.89
N LYS D 92 4.98 -6.92 5.06
CA LYS D 92 3.77 -6.11 5.07
C LYS D 92 4.05 -4.72 4.51
N ARG D 93 5.30 -4.28 4.62
CA ARG D 93 5.66 -2.98 4.06
C ARG D 93 5.91 -3.03 2.57
N GLN D 94 5.65 -4.16 1.93
CA GLN D 94 5.73 -4.28 0.48
C GLN D 94 4.42 -4.74 -0.13
N GLY D 95 3.35 -4.83 0.66
CA GLY D 95 2.10 -5.36 0.15
C GLY D 95 2.19 -6.85 -0.11
N ARG D 96 2.79 -7.59 0.81
CA ARG D 96 2.98 -9.04 0.69
C ARG D 96 2.67 -9.70 2.03
N THR D 97 1.49 -9.40 2.59
CA THR D 97 1.14 -9.92 3.91
C THR D 97 1.27 -11.43 3.97
N LEU D 98 1.87 -11.91 5.04
CA LEU D 98 2.17 -13.33 5.24
C LEU D 98 1.44 -13.86 6.47
N TYR D 99 0.55 -14.83 6.26
CA TYR D 99 -0.23 -15.39 7.36
C TYR D 99 0.44 -16.66 7.88
N GLY D 100 0.40 -16.85 9.19
CA GLY D 100 0.92 -18.06 9.79
C GLY D 100 2.14 -17.91 10.68
N PHE D 101 2.40 -16.72 11.21
CA PHE D 101 3.57 -16.50 12.07
C PHE D 101 3.20 -15.60 13.24
N SER E 21 14.00 30.22 21.41
CA SER E 21 13.20 29.45 20.47
C SER E 21 13.92 28.17 20.03
N ARG E 22 13.23 27.04 20.10
CA ARG E 22 13.85 25.76 19.83
C ARG E 22 14.22 25.59 18.35
N THR E 23 13.55 26.33 17.46
CA THR E 23 13.91 26.26 16.04
C THR E 23 15.27 26.88 15.79
N VAL E 24 15.54 28.05 16.38
CA VAL E 24 16.87 28.64 16.23
C VAL E 24 17.87 27.85 17.05
N ARG E 25 17.44 27.32 18.19
CA ARG E 25 18.34 26.54 19.04
C ARG E 25 18.79 25.26 18.33
N ALA E 26 17.87 24.60 17.63
CA ALA E 26 18.21 23.46 16.79
C ALA E 26 18.80 23.85 15.44
N GLU E 27 18.84 25.14 15.12
CA GLU E 27 19.37 25.64 13.84
C GLU E 27 18.61 25.01 12.67
N LEU E 28 17.30 25.20 12.68
CA LEU E 28 16.41 24.73 11.64
C LEU E 28 15.67 25.89 11.00
N SER E 29 14.92 25.58 9.95
CA SER E 29 14.08 26.56 9.28
C SER E 29 12.59 26.26 9.46
N PHE E 30 12.23 25.03 9.79
CA PHE E 30 10.86 24.68 10.09
C PHE E 30 10.65 24.88 11.59
N SER E 31 9.42 25.18 11.96
CA SER E 31 9.13 25.38 13.37
C SER E 31 8.99 24.02 14.04
N VAL E 32 9.79 23.78 15.09
CA VAL E 32 9.65 22.55 15.83
C VAL E 32 8.32 22.53 16.58
N SER E 33 7.88 23.71 17.06
CA SER E 33 6.69 23.73 17.90
C SER E 33 5.45 23.44 17.09
N GLN E 34 5.48 23.70 15.79
CA GLN E 34 4.34 23.38 14.95
C GLN E 34 4.34 21.91 14.60
N VAL E 35 5.52 21.29 14.42
CA VAL E 35 5.56 19.86 14.21
C VAL E 35 5.10 19.12 15.45
N GLU E 36 5.48 19.61 16.63
CA GLU E 36 5.02 19.00 17.87
C GLU E 36 3.53 19.20 18.04
N ARG E 37 3.01 20.37 17.65
CA ARG E 37 1.59 20.62 17.76
C ARG E 37 0.78 19.81 16.75
N SER E 38 1.38 19.48 15.61
CA SER E 38 0.72 18.63 14.63
C SER E 38 0.82 17.16 15.01
N LEU E 39 1.80 16.81 15.83
CA LEU E 39 1.85 15.47 16.38
C LEU E 39 0.84 15.33 17.51
N ARG E 40 0.54 16.43 18.19
CA ARG E 40 -0.49 16.42 19.23
C ARG E 40 -1.90 16.35 18.66
N GLU E 41 -2.18 17.10 17.58
CA GLU E 41 -3.52 17.02 17.02
C GLU E 41 -3.75 15.76 16.20
N GLY E 42 -2.71 15.00 15.90
CA GLY E 42 -2.87 13.74 15.21
C GLY E 42 -3.07 12.61 16.19
N HIS E 43 -2.68 12.84 17.45
CA HIS E 43 -2.81 11.85 18.51
C HIS E 43 -2.12 10.55 18.11
N TYR E 44 -0.88 10.69 17.65
CA TYR E 44 -0.07 9.56 17.22
C TYR E 44 0.45 8.73 18.38
N ALA E 45 0.48 9.29 19.59
CA ALA E 45 0.82 8.53 20.79
C ALA E 45 0.11 9.17 21.98
N GLN E 46 0.51 8.77 23.18
CA GLN E 46 -0.03 9.37 24.38
C GLN E 46 0.84 10.50 24.90
N ARG E 47 2.13 10.45 24.61
CA ARG E 47 3.09 11.43 25.12
C ARG E 47 4.27 11.44 24.16
N LEU E 48 4.71 12.64 23.78
CA LEU E 48 5.81 12.73 22.85
C LEU E 48 7.11 12.72 23.64
N SER E 49 8.20 13.06 22.97
CA SER E 49 9.51 13.09 23.60
C SER E 49 10.20 14.45 23.41
N ARG E 50 11.29 14.66 24.14
CA ARG E 50 12.04 15.90 24.05
C ARG E 50 12.44 16.21 22.61
N THR E 51 13.11 15.26 21.98
CA THR E 51 13.56 15.41 20.60
C THR E 51 12.64 14.69 19.63
N ALA E 52 11.34 14.75 19.90
CA ALA E 52 10.35 14.08 19.07
C ALA E 52 9.98 14.95 17.86
N PRO E 53 10.17 16.26 18.00
CA PRO E 53 9.86 17.19 16.92
C PRO E 53 11.07 17.91 16.37
N VAL E 54 12.18 18.00 17.12
CA VAL E 54 13.36 18.59 16.51
C VAL E 54 13.93 17.67 15.46
N TYR E 55 13.89 16.36 15.73
CA TYR E 55 14.38 15.39 14.76
C TYR E 55 13.46 15.35 13.55
N LEU E 56 12.15 15.45 13.78
CA LEU E 56 11.25 15.36 12.65
C LEU E 56 11.29 16.63 11.81
N ALA E 57 11.53 17.77 12.44
CA ALA E 57 11.65 18.97 11.65
C ALA E 57 12.98 19.04 10.95
N ALA E 58 14.00 18.35 11.46
CA ALA E 58 15.25 18.37 10.73
C ALA E 58 15.21 17.39 9.57
N VAL E 59 14.42 16.33 9.67
CA VAL E 59 14.35 15.44 8.51
C VAL E 59 13.46 16.05 7.44
N ILE E 60 12.33 16.66 7.82
CA ILE E 60 11.52 17.27 6.77
C ILE E 60 12.25 18.46 6.18
N GLU E 61 13.08 19.13 6.98
CA GLU E 61 13.86 20.23 6.46
C GLU E 61 14.89 19.70 5.48
N TYR E 62 15.45 18.53 5.76
CA TYR E 62 16.41 17.98 4.82
C TYR E 62 15.73 17.58 3.52
N LEU E 63 14.53 17.03 3.60
CA LEU E 63 13.89 16.63 2.35
C LEU E 63 13.46 17.83 1.54
N THR E 64 13.05 18.91 2.18
CA THR E 64 12.69 20.09 1.42
C THR E 64 13.92 20.76 0.84
N ALA E 65 15.02 20.79 1.60
CA ALA E 65 16.25 21.38 1.10
C ALA E 65 17.00 20.43 0.18
N LYS E 66 16.48 19.24 -0.04
CA LYS E 66 17.03 18.38 -1.08
C LYS E 66 16.18 18.42 -2.34
N VAL E 67 14.87 18.58 -2.21
CA VAL E 67 14.06 18.72 -3.41
C VAL E 67 14.18 20.12 -4.01
N LEU E 68 14.11 21.16 -3.18
CA LEU E 68 14.19 22.49 -3.72
C LEU E 68 15.61 22.86 -4.10
N GLU E 69 16.60 22.13 -3.59
CA GLU E 69 17.96 22.36 -4.07
C GLU E 69 18.08 21.91 -5.50
N LEU E 70 17.34 20.87 -5.87
CA LEU E 70 17.41 20.35 -7.22
C LEU E 70 16.49 21.13 -8.14
N ALA E 71 15.38 21.64 -7.61
CA ALA E 71 14.53 22.49 -8.42
C ALA E 71 15.24 23.81 -8.72
N GLY E 72 16.00 24.34 -7.75
CA GLY E 72 16.79 25.52 -8.01
C GLY E 72 18.03 25.26 -8.82
N ASN E 73 18.53 24.02 -8.81
CA ASN E 73 19.62 23.68 -9.71
C ASN E 73 19.13 23.51 -11.14
N GLU E 74 17.91 23.01 -11.31
CA GLU E 74 17.38 22.78 -12.64
C GLU E 74 16.78 24.03 -13.26
N ALA E 75 16.36 24.99 -12.44
CA ALA E 75 15.84 26.23 -13.00
C ALA E 75 16.98 27.04 -13.60
N GLN E 76 18.16 26.96 -12.99
CA GLN E 76 19.39 27.68 -13.44
C GLN E 76 19.57 27.49 -14.94
N ASN E 77 19.64 26.24 -15.40
CA ASN E 77 19.77 25.92 -16.85
C ASN E 77 18.52 26.37 -17.60
N SER E 78 17.34 26.16 -17.00
CA SER E 78 16.03 26.48 -17.64
C SER E 78 15.89 27.98 -17.94
N GLY E 79 16.27 28.85 -17.00
CA GLY E 79 16.19 30.30 -17.22
C GLY E 79 14.93 30.94 -16.63
N GLU E 80 14.05 30.13 -16.02
CA GLU E 80 12.84 30.65 -15.41
C GLU E 80 13.18 31.39 -14.12
N ARG E 81 12.29 32.29 -13.71
CA ARG E 81 12.47 33.08 -12.50
C ARG E 81 11.80 32.39 -11.30
N ASN E 82 10.49 32.16 -11.37
CA ASN E 82 9.82 31.45 -10.29
C ASN E 82 10.00 29.93 -10.44
N ILE E 83 9.36 29.19 -9.53
CA ILE E 83 9.29 27.74 -9.59
C ILE E 83 7.84 27.33 -9.80
N THR E 84 7.57 26.77 -10.95
CA THR E 84 6.26 26.28 -11.38
C THR E 84 6.13 24.80 -11.03
N PRO E 85 4.90 24.29 -11.00
CA PRO E 85 4.71 22.84 -10.81
C PRO E 85 5.26 21.99 -11.93
N LEU E 86 5.50 22.56 -13.12
CA LEU E 86 6.16 21.78 -14.16
C LEU E 86 7.59 21.49 -13.80
N LEU E 87 8.22 22.38 -13.04
CA LEU E 87 9.60 22.12 -12.60
C LEU E 87 9.62 21.01 -11.56
N LEU E 88 8.61 20.97 -10.68
CA LEU E 88 8.57 19.92 -9.67
C LEU E 88 8.29 18.57 -10.33
N ASP E 89 7.39 18.55 -11.30
CA ASP E 89 7.06 17.29 -11.97
C ASP E 89 8.24 16.82 -12.81
N MET E 90 8.99 17.73 -13.41
CA MET E 90 10.14 17.31 -14.20
C MET E 90 11.29 16.84 -13.31
N VAL E 91 11.46 17.44 -12.12
CA VAL E 91 12.59 17.05 -11.29
C VAL E 91 12.31 15.76 -10.54
N VAL E 92 11.15 15.64 -9.88
CA VAL E 92 10.98 14.55 -8.92
C VAL E 92 10.81 13.19 -9.57
N HIS E 93 10.46 13.11 -10.84
CA HIS E 93 10.40 11.80 -11.48
C HIS E 93 11.66 11.46 -12.27
N ASN E 94 12.49 12.46 -12.57
CA ASN E 94 13.87 12.26 -12.94
C ASN E 94 14.67 12.33 -11.64
N ASP E 95 16.00 12.47 -11.73
CA ASP E 95 16.81 12.75 -10.55
C ASP E 95 16.71 11.63 -9.51
N ARG E 96 17.34 10.52 -9.85
CA ARG E 96 17.27 9.25 -9.11
C ARG E 96 17.59 9.43 -7.62
N LEU E 97 18.05 10.63 -7.24
CA LEU E 97 18.25 10.93 -5.83
C LEU E 97 16.95 10.80 -5.04
N LEU E 98 15.86 11.38 -5.54
CA LEU E 98 14.57 11.32 -4.86
C LEU E 98 13.46 10.78 -5.75
N SER E 99 13.79 10.15 -6.87
CA SER E 99 12.77 9.55 -7.72
C SER E 99 12.17 8.28 -7.12
N THR E 100 12.86 7.66 -6.16
CA THR E 100 12.29 6.48 -5.51
C THR E 100 11.17 6.87 -4.55
N LEU E 101 11.24 8.08 -3.97
CA LEU E 101 10.20 8.57 -3.09
C LEU E 101 8.90 8.89 -3.83
N PHE E 102 8.96 9.18 -5.13
CA PHE E 102 7.81 9.60 -5.92
C PHE E 102 7.50 8.59 -7.03
N ASN E 103 7.52 7.30 -6.71
CA ASN E 103 7.11 6.30 -7.70
C ASN E 103 5.62 6.38 -7.95
N THR E 104 4.84 6.69 -6.91
CA THR E 104 3.39 6.63 -6.95
C THR E 104 2.76 7.99 -6.72
N THR E 105 3.46 9.07 -7.06
CA THR E 105 2.91 10.40 -6.90
C THR E 105 2.61 11.02 -8.26
N THR E 106 1.72 12.01 -8.24
CA THR E 106 1.29 12.72 -9.44
C THR E 106 1.11 14.19 -9.09
N ILE E 107 1.99 15.05 -9.59
CA ILE E 107 1.79 16.47 -9.41
C ILE E 107 0.69 16.93 -10.37
N SER E 108 -0.28 17.70 -9.84
CA SER E 108 -1.54 17.86 -10.55
C SER E 108 -1.42 18.80 -11.74
N GLN E 109 -0.60 19.84 -11.63
CA GLN E 109 -0.37 20.81 -12.70
C GLN E 109 -1.65 21.57 -13.07
N VAL E 110 -2.69 21.51 -12.23
CA VAL E 110 -3.89 22.30 -12.43
C VAL E 110 -4.26 22.97 -11.11
N SER F 37 -0.84 25.45 5.96
CA SER F 37 -0.30 25.39 7.31
C SER F 37 1.22 25.53 7.29
N TYR F 38 1.88 24.67 6.53
CA TYR F 38 3.33 24.61 6.47
C TYR F 38 3.91 25.48 5.38
N SER F 39 3.08 26.31 4.73
CA SER F 39 3.53 27.07 3.58
C SER F 39 4.43 28.24 3.96
N ILE F 40 4.37 28.68 5.21
CA ILE F 40 5.17 29.82 5.63
C ILE F 40 6.63 29.44 5.85
N TYR F 41 6.89 28.15 6.06
CA TYR F 41 8.24 27.66 6.28
C TYR F 41 8.90 27.13 5.02
N VAL F 42 8.11 26.74 4.02
CA VAL F 42 8.67 26.32 2.75
C VAL F 42 9.37 27.50 2.07
N TYR F 43 8.76 28.68 2.13
CA TYR F 43 9.39 29.87 1.58
C TYR F 43 10.58 30.31 2.44
N LYS F 44 10.55 29.99 3.74
CA LYS F 44 11.67 30.36 4.59
C LYS F 44 12.88 29.47 4.34
N VAL F 45 12.67 28.19 4.04
CA VAL F 45 13.81 27.38 3.63
C VAL F 45 14.24 27.73 2.22
N LEU F 46 13.30 28.14 1.36
CA LEU F 46 13.69 28.49 0.00
C LEU F 46 14.52 29.77 -0.03
N LYS F 47 14.33 30.65 0.94
CA LYS F 47 15.19 31.84 1.03
C LYS F 47 16.61 31.48 1.41
N GLN F 48 16.83 30.33 2.04
CA GLN F 48 18.17 29.88 2.39
C GLN F 48 18.82 29.11 1.25
N VAL F 49 18.05 28.25 0.58
CA VAL F 49 18.61 27.39 -0.45
C VAL F 49 18.75 28.12 -1.77
N HIS F 50 17.81 29.03 -2.07
CA HIS F 50 17.89 29.87 -3.26
C HIS F 50 17.25 31.21 -2.94
N PRO F 51 18.05 32.15 -2.44
CA PRO F 51 17.52 33.48 -2.10
C PRO F 51 17.13 34.31 -3.31
N ASP F 52 17.49 33.88 -4.51
CA ASP F 52 17.17 34.62 -5.72
C ASP F 52 15.98 34.04 -6.45
N THR F 53 15.76 32.73 -6.34
CA THR F 53 14.69 32.07 -7.07
C THR F 53 13.40 32.06 -6.25
N GLY F 54 12.33 32.54 -6.86
CA GLY F 54 11.03 32.57 -6.24
C GLY F 54 10.23 31.32 -6.54
N ILE F 55 9.02 31.26 -5.98
CA ILE F 55 8.16 30.09 -6.14
C ILE F 55 6.75 30.57 -6.45
N SER F 56 6.00 29.73 -7.15
CA SER F 56 4.66 30.06 -7.59
C SER F 56 3.67 29.86 -6.44
N SER F 57 2.38 29.98 -6.75
CA SER F 57 1.34 29.80 -5.74
C SER F 57 0.74 28.40 -5.78
N LYS F 58 0.78 27.74 -6.94
CA LYS F 58 0.35 26.35 -6.99
C LYS F 58 1.45 25.43 -6.49
N ALA F 59 2.71 25.81 -6.72
CA ALA F 59 3.82 25.01 -6.25
C ALA F 59 3.96 25.07 -4.75
N MET F 60 3.48 26.14 -4.13
CA MET F 60 3.46 26.21 -2.68
C MET F 60 2.42 25.26 -2.11
N GLY F 61 1.28 25.12 -2.78
CA GLY F 61 0.30 24.15 -2.34
C GLY F 61 0.75 22.73 -2.60
N ILE F 62 1.60 22.54 -3.62
CA ILE F 62 2.11 21.19 -3.88
C ILE F 62 3.16 20.83 -2.83
N MET F 63 4.02 21.78 -2.49
CA MET F 63 5.01 21.50 -1.46
C MET F 63 4.37 21.41 -0.09
N ASN F 64 3.22 22.06 0.10
CA ASN F 64 2.54 21.96 1.38
C ASN F 64 1.77 20.65 1.50
N SER F 65 1.30 20.10 0.39
CA SER F 65 0.68 18.79 0.47
C SER F 65 1.75 17.71 0.55
N PHE F 66 2.92 17.97 -0.02
CA PHE F 66 4.04 17.06 0.12
C PHE F 66 4.51 17.00 1.56
N VAL F 67 4.60 18.15 2.23
CA VAL F 67 5.05 18.16 3.61
C VAL F 67 3.99 17.56 4.53
N ASN F 68 2.72 17.88 4.33
CA ASN F 68 1.72 17.25 5.19
C ASN F 68 1.55 15.76 4.90
N ASP F 69 2.01 15.30 3.74
CA ASP F 69 1.95 13.87 3.48
C ASP F 69 3.13 13.14 4.06
N ILE F 70 4.35 13.67 3.90
CA ILE F 70 5.48 12.95 4.48
C ILE F 70 5.49 13.11 5.99
N PHE F 71 4.74 14.08 6.52
CA PHE F 71 4.55 14.16 7.96
C PHE F 71 3.55 13.13 8.43
N GLU F 72 2.40 13.00 7.75
CA GLU F 72 1.42 12.07 8.27
C GLU F 72 1.76 10.64 7.91
N ARG F 73 2.80 10.44 7.09
CA ARG F 73 3.35 9.12 6.83
C ARG F 73 4.44 8.76 7.84
N ILE F 74 5.32 9.70 8.18
CA ILE F 74 6.36 9.37 9.15
C ILE F 74 5.75 9.20 10.52
N ALA F 75 4.80 10.07 10.88
CA ALA F 75 4.17 9.94 12.20
C ALA F 75 3.30 8.69 12.27
N GLY F 76 2.76 8.23 11.16
CA GLY F 76 1.93 7.03 11.18
C GLY F 76 2.81 5.81 11.29
N GLU F 77 3.97 5.86 10.66
CA GLU F 77 4.89 4.73 10.76
C GLU F 77 5.47 4.68 12.16
N ALA F 78 5.72 5.84 12.77
CA ALA F 78 6.23 5.83 14.14
C ALA F 78 5.15 5.49 15.15
N SER F 79 3.88 5.68 14.82
CA SER F 79 2.86 5.18 15.75
C SER F 79 2.69 3.68 15.63
N ARG F 80 2.87 3.12 14.43
CA ARG F 80 2.81 1.68 14.34
C ARG F 80 4.02 1.05 15.01
N LEU F 81 5.18 1.72 14.94
CA LEU F 81 6.35 1.20 15.63
C LEU F 81 6.27 1.38 17.15
N ALA F 82 5.55 2.40 17.62
CA ALA F 82 5.29 2.50 19.05
C ALA F 82 4.25 1.49 19.52
N HIS F 83 3.41 0.99 18.61
CA HIS F 83 2.46 -0.05 18.99
C HIS F 83 3.07 -1.44 18.92
N TYR F 84 3.97 -1.68 17.97
CA TYR F 84 4.59 -3.00 17.82
C TYR F 84 5.48 -3.36 19.00
N ASN F 85 6.08 -2.35 19.65
CA ASN F 85 6.89 -2.51 20.85
C ASN F 85 6.13 -2.23 22.13
N LYS F 86 4.82 -1.97 22.04
CA LYS F 86 3.96 -1.77 23.20
C LYS F 86 4.44 -0.60 24.05
N ARG F 87 5.09 0.38 23.43
CA ARG F 87 5.41 1.61 24.11
C ARG F 87 4.22 2.57 24.06
N SER F 88 4.41 3.73 24.69
CA SER F 88 3.41 4.81 24.67
C SER F 88 3.99 6.14 24.23
N THR F 89 5.30 6.33 24.28
CA THR F 89 5.95 7.58 23.92
C THR F 89 6.69 7.43 22.59
N ILE F 90 6.33 8.28 21.64
CA ILE F 90 7.09 8.39 20.39
C ILE F 90 8.33 9.20 20.74
N THR F 91 9.49 8.54 20.74
CA THR F 91 10.74 9.20 21.00
C THR F 91 11.35 9.57 19.64
N SER F 92 12.60 10.05 19.65
CA SER F 92 13.24 10.29 18.37
C SER F 92 13.72 9.00 17.73
N ARG F 93 13.71 7.90 18.48
CA ARG F 93 14.20 6.65 17.94
C ARG F 93 13.14 6.00 17.05
N GLU F 94 11.86 6.19 17.38
CA GLU F 94 10.84 5.71 16.47
C GLU F 94 10.73 6.58 15.23
N ILE F 95 11.18 7.83 15.31
CA ILE F 95 11.22 8.65 14.10
C ILE F 95 12.40 8.24 13.24
N GLN F 96 13.53 7.90 13.86
CA GLN F 96 14.68 7.48 13.08
C GLN F 96 14.40 6.13 12.41
N THR F 97 13.62 5.28 13.05
CA THR F 97 13.29 4.01 12.42
C THR F 97 12.23 4.21 11.35
N ALA F 98 11.26 5.09 11.56
CA ALA F 98 10.28 5.32 10.51
C ALA F 98 10.90 6.02 9.30
N VAL F 99 11.99 6.78 9.51
CA VAL F 99 12.71 7.34 8.38
C VAL F 99 13.51 6.28 7.67
N ARG F 100 14.10 5.34 8.44
CA ARG F 100 14.82 4.25 7.77
C ARG F 100 13.88 3.38 6.98
N LEU F 101 12.65 3.19 7.47
CA LEU F 101 11.69 2.34 6.77
C LEU F 101 11.10 3.04 5.56
N LEU F 102 10.72 4.31 5.68
CA LEU F 102 9.96 4.94 4.61
C LEU F 102 10.86 5.38 3.47
N LEU F 103 11.93 6.09 3.77
CA LEU F 103 12.76 6.65 2.72
C LEU F 103 13.73 5.59 2.23
N PRO F 104 13.89 5.42 0.92
CA PRO F 104 14.79 4.37 0.43
C PRO F 104 16.22 4.83 0.30
N GLY F 105 17.14 4.16 0.99
CA GLY F 105 18.55 4.27 0.68
C GLY F 105 19.23 5.55 1.13
N GLU F 106 19.80 6.26 0.16
CA GLU F 106 20.60 7.43 0.48
C GLU F 106 19.74 8.55 1.06
N LEU F 107 18.46 8.61 0.69
CA LEU F 107 17.61 9.60 1.32
C LEU F 107 17.37 9.27 2.79
N ALA F 108 17.33 7.99 3.13
CA ALA F 108 17.21 7.64 4.54
C ALA F 108 18.51 7.89 5.28
N LYS F 109 19.65 7.72 4.62
CA LYS F 109 20.91 7.94 5.34
C LYS F 109 21.12 9.42 5.59
N HIS F 110 20.69 10.26 4.66
CA HIS F 110 20.88 11.69 4.88
C HIS F 110 19.81 12.26 5.79
N ALA F 111 18.58 11.74 5.76
CA ALA F 111 17.59 12.24 6.70
C ALA F 111 17.91 11.81 8.13
N VAL F 112 18.48 10.61 8.32
CA VAL F 112 18.89 10.23 9.68
C VAL F 112 20.08 11.07 10.11
N SER F 113 21.01 11.35 9.19
CA SER F 113 22.16 12.14 9.60
C SER F 113 21.77 13.58 9.94
N GLU F 114 20.76 14.12 9.25
CA GLU F 114 20.31 15.49 9.54
C GLU F 114 19.48 15.56 10.80
N GLY F 115 18.73 14.50 11.11
CA GLY F 115 17.95 14.51 12.32
C GLY F 115 18.85 14.30 13.51
N THR F 116 19.92 13.51 13.35
CA THR F 116 20.84 13.27 14.46
C THR F 116 21.68 14.49 14.73
N LYS F 117 22.15 15.15 13.67
CA LYS F 117 22.95 16.35 13.85
C LYS F 117 22.06 17.57 14.02
N ALA F 118 20.76 17.38 14.16
CA ALA F 118 19.92 18.44 14.70
C ALA F 118 19.48 18.20 16.13
N VAL F 119 19.29 16.94 16.53
CA VAL F 119 19.01 16.68 17.95
C VAL F 119 20.25 16.91 18.80
N THR F 120 21.43 16.56 18.30
CA THR F 120 22.63 16.82 19.11
C THR F 120 22.90 18.31 19.23
N LYS F 121 22.71 19.06 18.15
CA LYS F 121 22.84 20.50 18.25
C LYS F 121 21.73 21.11 19.10
N TYR F 122 20.59 20.43 19.23
CA TYR F 122 19.53 20.92 20.10
C TYR F 122 19.86 20.74 21.58
N THR F 123 20.36 19.56 21.96
CA THR F 123 20.60 19.31 23.37
C THR F 123 21.76 20.14 23.92
N SER F 124 22.71 20.51 23.07
CA SER F 124 23.84 21.31 23.51
C SER F 124 23.45 22.77 23.70
N LEU G 61 -4.39 19.09 -20.27
CA LEU G 61 -5.18 17.86 -20.28
C LEU G 61 -5.37 17.40 -21.72
N LEU G 62 -5.72 16.13 -21.91
CA LEU G 62 -5.88 15.57 -23.25
C LEU G 62 -7.29 15.09 -23.54
N ILE G 63 -8.09 14.82 -22.53
CA ILE G 63 -9.49 14.48 -22.69
C ILE G 63 -10.30 15.75 -22.52
N ARG G 64 -11.37 15.89 -23.30
CA ARG G 64 -12.20 17.08 -23.19
C ARG G 64 -12.97 17.05 -21.87
N LYS G 65 -13.11 18.23 -21.26
CA LYS G 65 -13.55 18.29 -19.88
C LYS G 65 -15.04 18.00 -19.72
N LEU G 66 -15.85 18.44 -20.66
CA LEU G 66 -17.29 18.29 -20.47
C LEU G 66 -17.75 16.84 -20.69
N PRO G 67 -17.21 16.10 -21.67
CA PRO G 67 -17.54 14.68 -21.73
C PRO G 67 -16.95 13.88 -20.58
N PHE G 68 -15.85 14.32 -19.97
CA PHE G 68 -15.33 13.62 -18.80
C PHE G 68 -16.17 13.90 -17.58
N GLN G 69 -16.78 15.09 -17.52
CA GLN G 69 -17.69 15.37 -16.41
C GLN G 69 -18.99 14.62 -16.60
N ARG G 70 -19.43 14.43 -17.84
CA ARG G 70 -20.60 13.61 -18.05
C ARG G 70 -20.31 12.17 -17.69
N LEU G 71 -19.08 11.71 -17.93
CA LEU G 71 -18.73 10.34 -17.60
C LEU G 71 -18.67 10.13 -16.10
N VAL G 72 -18.12 11.10 -15.36
CA VAL G 72 -18.07 10.94 -13.92
C VAL G 72 -19.47 11.02 -13.33
N ARG G 73 -20.33 11.90 -13.87
CA ARG G 73 -21.66 12.05 -13.32
C ARG G 73 -22.62 10.97 -13.78
N GLU G 74 -22.20 10.11 -14.72
CA GLU G 74 -22.99 8.94 -15.06
C GLU G 74 -22.41 7.66 -14.46
N ILE G 75 -21.16 7.68 -14.02
CA ILE G 75 -20.61 6.57 -13.24
C ILE G 75 -21.01 6.70 -11.78
N ALA G 76 -20.92 7.90 -11.21
CA ALA G 76 -21.26 8.07 -9.80
C ALA G 76 -22.75 7.93 -9.53
N GLN G 77 -23.59 7.95 -10.56
CA GLN G 77 -25.02 7.84 -10.32
C GLN G 77 -25.40 6.47 -9.79
N ASP G 78 -24.59 5.45 -10.10
CA ASP G 78 -24.86 4.09 -9.63
C ASP G 78 -24.54 3.91 -8.15
N PHE G 79 -23.87 4.87 -7.53
CA PHE G 79 -23.42 4.77 -6.15
C PHE G 79 -24.29 5.56 -5.20
N LYS G 80 -24.61 6.81 -5.55
CA LYS G 80 -25.58 7.60 -4.81
C LYS G 80 -26.24 8.55 -5.79
N THR G 81 -27.56 8.53 -5.83
CA THR G 81 -28.27 9.37 -6.78
C THR G 81 -28.25 10.81 -6.32
N ASP G 82 -28.29 11.73 -7.29
CA ASP G 82 -28.35 13.18 -7.06
C ASP G 82 -27.16 13.63 -6.20
N LEU G 83 -25.97 13.42 -6.76
CA LEU G 83 -24.76 13.99 -6.17
C LEU G 83 -24.30 15.23 -6.91
N ARG G 84 -23.56 16.06 -6.19
CA ARG G 84 -22.90 17.23 -6.72
C ARG G 84 -21.39 17.08 -6.60
N PHE G 85 -20.67 17.62 -7.56
CA PHE G 85 -19.21 17.54 -7.57
C PHE G 85 -18.63 18.94 -7.53
N GLN G 86 -17.55 19.12 -6.79
CA GLN G 86 -16.82 20.37 -6.86
C GLN G 86 -16.17 20.52 -8.23
N SER G 87 -15.86 21.76 -8.60
CA SER G 87 -15.24 21.95 -9.90
C SER G 87 -13.80 21.46 -9.92
N SER G 88 -13.18 21.29 -8.75
CA SER G 88 -11.83 20.78 -8.71
C SER G 88 -11.77 19.28 -8.45
N ALA G 89 -12.89 18.67 -8.06
CA ALA G 89 -12.90 17.22 -7.92
C ALA G 89 -12.89 16.56 -9.29
N VAL G 90 -13.60 17.16 -10.24
CA VAL G 90 -13.63 16.63 -11.59
C VAL G 90 -12.28 16.83 -12.26
N MET G 91 -11.59 17.94 -11.97
CA MET G 91 -10.26 18.11 -12.54
C MET G 91 -9.24 17.23 -11.85
N ALA G 92 -9.45 16.87 -10.59
CA ALA G 92 -8.54 15.92 -9.96
C ALA G 92 -8.77 14.53 -10.53
N LEU G 93 -10.03 14.19 -10.83
CA LEU G 93 -10.30 12.90 -11.45
C LEU G 93 -9.80 12.86 -12.89
N GLN G 94 -9.85 13.98 -13.59
CA GLN G 94 -9.39 13.97 -14.97
C GLN G 94 -7.88 13.96 -15.04
N GLU G 95 -7.22 14.65 -14.10
CA GLU G 95 -5.76 14.61 -14.02
C GLU G 95 -5.29 13.23 -13.61
N ALA G 96 -6.05 12.55 -12.76
CA ALA G 96 -5.59 11.26 -12.32
C ALA G 96 -5.87 10.23 -13.40
N CYS G 97 -6.95 10.41 -14.17
CA CYS G 97 -7.24 9.45 -15.23
C CYS G 97 -6.30 9.59 -16.41
N GLU G 98 -5.87 10.81 -16.75
CA GLU G 98 -4.89 10.80 -17.82
C GLU G 98 -3.54 10.37 -17.28
N ALA G 99 -3.22 10.64 -16.01
CA ALA G 99 -1.96 10.14 -15.50
C ALA G 99 -2.00 8.64 -15.30
N TYR G 100 -3.19 8.04 -15.29
CA TYR G 100 -3.31 6.60 -15.31
C TYR G 100 -3.18 6.05 -16.73
N LEU G 101 -3.84 6.68 -17.69
CA LEU G 101 -3.84 6.13 -19.05
C LEU G 101 -2.48 6.27 -19.72
N VAL G 102 -1.76 7.37 -19.48
CA VAL G 102 -0.42 7.46 -20.06
C VAL G 102 0.50 6.41 -19.44
N GLY G 103 0.39 6.20 -18.13
CA GLY G 103 1.22 5.19 -17.50
C GLY G 103 0.80 3.79 -17.89
N LEU G 104 -0.42 3.64 -18.38
CA LEU G 104 -0.86 2.35 -18.91
C LEU G 104 -0.35 2.14 -20.33
N PHE G 105 -0.37 3.18 -21.16
CA PHE G 105 0.11 3.01 -22.52
C PHE G 105 1.62 2.98 -22.59
N GLU G 106 2.30 3.33 -21.50
CA GLU G 106 3.75 3.19 -21.51
C GLU G 106 4.14 1.74 -21.29
N ASP G 107 3.33 0.98 -20.54
CA ASP G 107 3.58 -0.45 -20.45
C ASP G 107 2.93 -1.23 -21.58
N THR G 108 1.88 -0.69 -22.21
CA THR G 108 1.34 -1.36 -23.39
C THR G 108 2.33 -1.24 -24.55
N ASN G 109 3.03 -0.11 -24.64
CA ASN G 109 4.01 0.01 -25.72
C ASN G 109 5.20 -0.88 -25.45
N LEU G 110 5.49 -1.18 -24.18
CA LEU G 110 6.54 -2.13 -23.88
C LEU G 110 6.11 -3.54 -24.23
N CYS G 111 4.83 -3.85 -24.01
CA CYS G 111 4.33 -5.17 -24.37
C CYS G 111 4.16 -5.33 -25.86
N ALA G 112 4.02 -4.23 -26.59
CA ALA G 112 3.93 -4.31 -28.04
C ALA G 112 5.32 -4.39 -28.67
N ILE G 113 6.29 -3.69 -28.10
CA ILE G 113 7.66 -3.85 -28.57
C ILE G 113 8.17 -5.24 -28.23
N HIS G 114 7.69 -5.82 -27.13
CA HIS G 114 8.19 -7.12 -26.70
C HIS G 114 7.83 -8.21 -27.69
N ALA G 115 6.73 -8.05 -28.41
CA ALA G 115 6.32 -8.99 -29.44
C ALA G 115 6.87 -8.64 -30.81
N LYS G 116 7.81 -7.71 -30.88
CA LYS G 116 8.38 -7.24 -32.15
C LYS G 116 7.28 -6.66 -33.02
N ARG G 117 6.57 -5.70 -32.45
CA ARG G 117 5.54 -4.96 -33.17
C ARG G 117 5.66 -3.48 -32.85
N VAL G 118 4.91 -2.68 -33.61
CA VAL G 118 4.76 -1.26 -33.34
C VAL G 118 3.32 -0.93 -32.96
N THR G 119 2.35 -1.54 -33.63
CA THR G 119 0.95 -1.31 -33.31
C THR G 119 0.61 -1.97 -31.99
N ILE G 120 -0.01 -1.20 -31.09
CA ILE G 120 -0.49 -1.79 -29.85
C ILE G 120 -1.87 -2.41 -30.11
N MET G 121 -2.13 -3.52 -29.45
CA MET G 121 -3.35 -4.31 -29.64
C MET G 121 -4.00 -4.51 -28.29
N PRO G 122 -5.26 -4.94 -28.25
CA PRO G 122 -5.93 -5.07 -26.95
C PRO G 122 -5.32 -6.14 -26.09
N LYS G 123 -4.57 -7.08 -26.67
CA LYS G 123 -3.91 -8.06 -25.84
C LYS G 123 -2.70 -7.46 -25.14
N ASP G 124 -2.26 -6.28 -25.58
CA ASP G 124 -1.14 -5.63 -24.90
C ASP G 124 -1.63 -4.88 -23.67
N ILE G 125 -2.83 -4.31 -23.75
CA ILE G 125 -3.45 -3.72 -22.57
C ILE G 125 -3.84 -4.82 -21.60
N GLN G 126 -4.31 -5.95 -22.12
CA GLN G 126 -4.68 -7.04 -21.22
C GLN G 126 -3.47 -7.66 -20.55
N LEU G 127 -2.32 -7.69 -21.22
CA LEU G 127 -1.13 -8.19 -20.55
C LEU G 127 -0.59 -7.18 -19.55
N ALA G 128 -0.61 -5.89 -19.91
CA ALA G 128 -0.11 -4.88 -19.00
C ALA G 128 -1.01 -4.71 -17.78
N ARG G 129 -2.27 -5.13 -17.87
CA ARG G 129 -3.13 -5.11 -16.70
C ARG G 129 -3.13 -6.42 -15.93
N ARG G 130 -2.84 -7.55 -16.58
CA ARG G 130 -2.77 -8.78 -15.81
C ARG G 130 -1.46 -8.87 -15.05
N ILE G 131 -0.36 -8.36 -15.61
CA ILE G 131 0.89 -8.37 -14.88
C ILE G 131 0.83 -7.39 -13.72
N ARG G 132 0.17 -6.25 -13.93
CA ARG G 132 0.06 -5.25 -12.88
C ARG G 132 -0.85 -5.69 -11.75
N GLY G 133 -1.82 -6.56 -12.05
CA GLY G 133 -2.68 -7.09 -11.00
C GLY G 133 -4.05 -6.45 -11.05
N GLU G 134 -4.60 -6.28 -12.24
CA GLU G 134 -5.89 -5.63 -12.41
C GLU G 134 -6.89 -6.55 -13.10
N ASN H 26 -22.35 8.99 -21.54
CA ASN H 26 -21.88 7.67 -21.91
C ASN H 26 -20.36 7.59 -21.84
N ILE H 27 -19.83 6.38 -21.96
CA ILE H 27 -18.39 6.20 -22.10
C ILE H 27 -17.90 6.63 -23.47
N GLN H 28 -18.81 6.82 -24.43
CA GLN H 28 -18.41 7.22 -25.77
C GLN H 28 -17.86 8.64 -25.83
N GLY H 29 -17.92 9.40 -24.74
CA GLY H 29 -17.31 10.72 -24.76
C GLY H 29 -15.80 10.68 -24.74
N ILE H 30 -15.22 9.55 -24.34
CA ILE H 30 -13.78 9.36 -24.43
C ILE H 30 -13.51 9.00 -25.88
N THR H 31 -13.23 10.00 -26.70
CA THR H 31 -13.31 9.83 -28.15
C THR H 31 -12.07 9.11 -28.67
N LYS H 32 -12.09 8.83 -29.97
CA LYS H 32 -10.95 8.19 -30.61
C LYS H 32 -9.70 9.04 -30.57
N PRO H 33 -9.73 10.34 -30.89
CA PRO H 33 -8.48 11.10 -30.86
C PRO H 33 -8.03 11.50 -29.47
N ALA H 34 -8.88 11.40 -28.45
CA ALA H 34 -8.37 11.64 -27.11
C ALA H 34 -7.60 10.44 -26.58
N ILE H 35 -8.03 9.24 -26.94
CA ILE H 35 -7.22 8.07 -26.62
C ILE H 35 -5.97 8.07 -27.47
N ARG H 36 -6.06 8.58 -28.70
CA ARG H 36 -4.87 8.65 -29.52
C ARG H 36 -3.87 9.66 -28.97
N ARG H 37 -4.35 10.77 -28.39
CA ARG H 37 -3.44 11.72 -27.78
C ARG H 37 -2.83 11.17 -26.49
N LEU H 38 -3.58 10.34 -25.76
CA LEU H 38 -3.01 9.73 -24.58
C LEU H 38 -1.97 8.68 -24.95
N ALA H 39 -2.15 8.04 -26.09
CA ALA H 39 -1.16 7.04 -26.51
C ALA H 39 0.06 7.71 -27.12
N ARG H 40 -0.14 8.84 -27.80
CA ARG H 40 0.99 9.61 -28.32
C ARG H 40 1.82 10.19 -27.19
N ARG H 41 1.16 10.56 -26.09
CA ARG H 41 1.93 11.00 -24.93
C ARG H 41 2.56 9.83 -24.20
N GLY H 42 1.94 8.65 -24.31
CA GLY H 42 2.54 7.46 -23.74
C GLY H 42 3.72 6.93 -24.52
N GLY H 43 3.91 7.41 -25.74
CA GLY H 43 5.01 6.96 -26.57
C GLY H 43 4.63 5.95 -27.62
N VAL H 44 3.35 5.73 -27.86
CA VAL H 44 2.91 4.75 -28.83
C VAL H 44 2.92 5.38 -30.22
N LYS H 45 3.49 4.66 -31.18
CA LYS H 45 3.62 5.18 -32.54
C LYS H 45 2.40 4.88 -33.38
N ARG H 46 1.82 3.69 -33.22
CA ARG H 46 0.72 3.24 -34.05
C ARG H 46 -0.26 2.47 -33.17
N ILE H 47 -1.56 2.66 -33.42
CA ILE H 47 -2.62 2.17 -32.55
C ILE H 47 -3.54 1.29 -33.37
N SER H 48 -3.87 0.11 -32.84
CA SER H 48 -4.80 -0.74 -33.54
C SER H 48 -6.22 -0.19 -33.43
N GLY H 49 -7.12 -0.74 -34.24
CA GLY H 49 -8.48 -0.25 -34.26
C GLY H 49 -9.37 -0.77 -33.17
N LEU H 50 -8.83 -1.58 -32.26
CA LEU H 50 -9.59 -2.15 -31.16
C LEU H 50 -9.12 -1.65 -29.80
N ILE H 51 -8.07 -0.84 -29.76
CA ILE H 51 -7.65 -0.21 -28.51
C ILE H 51 -8.72 0.72 -27.98
N TYR H 52 -9.51 1.31 -28.86
CA TYR H 52 -10.38 2.40 -28.45
C TYR H 52 -11.47 1.92 -27.49
N GLU H 53 -12.05 0.74 -27.73
CA GLU H 53 -13.05 0.23 -26.81
C GLU H 53 -12.45 -0.47 -25.60
N GLU H 54 -11.19 -0.88 -25.66
CA GLU H 54 -10.57 -1.49 -24.50
C GLU H 54 -10.12 -0.41 -23.52
N THR H 55 -9.69 0.73 -24.04
CA THR H 55 -9.18 1.78 -23.18
C THR H 55 -10.34 2.41 -22.42
N ARG H 56 -11.51 2.45 -23.04
CA ARG H 56 -12.69 2.95 -22.36
C ARG H 56 -13.11 1.98 -21.27
N GLY H 57 -12.86 0.69 -21.48
CA GLY H 57 -13.19 -0.31 -20.48
C GLY H 57 -12.19 -0.37 -19.36
N VAL H 58 -10.99 0.16 -19.58
CA VAL H 58 -10.03 0.29 -18.51
C VAL H 58 -10.28 1.57 -17.73
N LEU H 59 -10.63 2.65 -18.45
CA LEU H 59 -10.93 3.91 -17.78
C LEU H 59 -12.20 3.80 -16.95
N LYS H 60 -13.17 2.99 -17.40
CA LYS H 60 -14.39 2.87 -16.65
C LYS H 60 -14.17 2.05 -15.40
N VAL H 61 -13.26 1.07 -15.44
CA VAL H 61 -12.93 0.32 -14.25
C VAL H 61 -12.16 1.20 -13.27
N PHE H 62 -11.28 2.06 -13.79
CA PHE H 62 -10.51 2.93 -12.89
C PHE H 62 -11.43 3.94 -12.21
N LEU H 63 -12.39 4.48 -12.95
CA LEU H 63 -13.33 5.41 -12.34
C LEU H 63 -14.30 4.70 -11.42
N GLU H 64 -14.69 3.47 -11.74
CA GLU H 64 -15.56 2.76 -10.82
C GLU H 64 -14.84 2.33 -9.56
N ASN H 65 -13.52 2.28 -9.60
CA ASN H 65 -12.79 1.99 -8.37
C ASN H 65 -12.48 3.23 -7.56
N VAL H 66 -12.33 4.38 -8.20
CA VAL H 66 -11.98 5.57 -7.42
C VAL H 66 -13.22 6.33 -6.96
N ILE H 67 -14.25 6.40 -7.81
CA ILE H 67 -15.46 7.14 -7.46
C ILE H 67 -16.22 6.41 -6.37
N ARG H 68 -16.07 5.09 -6.28
CA ARG H 68 -16.72 4.36 -5.20
C ARG H 68 -16.17 4.79 -3.85
N ASP H 69 -14.85 5.02 -3.79
CA ASP H 69 -14.25 5.45 -2.54
C ASP H 69 -14.50 6.93 -2.29
N ALA H 70 -14.63 7.72 -3.35
CA ALA H 70 -14.91 9.14 -3.13
C ALA H 70 -16.33 9.32 -2.64
N VAL H 71 -17.26 8.51 -3.16
CA VAL H 71 -18.64 8.56 -2.69
C VAL H 71 -18.74 7.97 -1.30
N THR H 72 -17.84 7.04 -0.96
CA THR H 72 -17.86 6.51 0.39
C THR H 72 -17.39 7.57 1.38
N TYR H 73 -16.37 8.35 1.01
CA TYR H 73 -15.93 9.41 1.91
C TYR H 73 -16.97 10.52 1.99
N THR H 74 -17.72 10.76 0.93
CA THR H 74 -18.73 11.82 1.00
C THR H 74 -19.91 11.36 1.86
N GLU H 75 -20.37 10.12 1.67
CA GLU H 75 -21.44 9.64 2.51
C GLU H 75 -21.00 9.49 3.96
N HIS H 76 -19.70 9.28 4.20
CA HIS H 76 -19.24 9.25 5.57
C HIS H 76 -19.14 10.64 6.16
N ALA H 77 -18.90 11.64 5.34
CA ALA H 77 -18.82 13.01 5.84
C ALA H 77 -20.17 13.69 5.83
N LYS H 78 -21.24 12.94 5.58
CA LYS H 78 -22.61 13.46 5.63
C LYS H 78 -22.78 14.63 4.68
N ARG H 79 -22.08 14.60 3.57
CA ARG H 79 -22.20 15.61 2.52
C ARG H 79 -22.91 15.04 1.31
N LYS H 80 -23.25 15.94 0.39
CA LYS H 80 -23.77 15.58 -0.92
C LYS H 80 -22.90 16.08 -2.06
N THR H 81 -21.80 16.76 -1.76
CA THR H 81 -20.88 17.27 -2.76
C THR H 81 -19.53 16.60 -2.63
N VAL H 82 -19.14 15.86 -3.66
CA VAL H 82 -17.86 15.17 -3.67
C VAL H 82 -16.77 16.21 -3.85
N THR H 83 -16.05 16.53 -2.78
CA THR H 83 -15.01 17.54 -2.88
C THR H 83 -13.76 16.94 -3.51
N ALA H 84 -12.72 17.76 -3.67
CA ALA H 84 -11.51 17.23 -4.27
C ALA H 84 -10.63 16.49 -3.28
N MET H 85 -10.87 16.66 -1.98
CA MET H 85 -10.10 15.92 -1.01
C MET H 85 -10.62 14.52 -0.83
N ASP H 86 -11.89 14.29 -1.19
CA ASP H 86 -12.40 12.93 -1.21
C ASP H 86 -11.79 12.17 -2.38
N VAL H 87 -11.51 12.88 -3.47
CA VAL H 87 -10.86 12.25 -4.61
C VAL H 87 -9.39 12.02 -4.29
N VAL H 88 -8.76 12.93 -3.55
CA VAL H 88 -7.37 12.70 -3.16
C VAL H 88 -7.27 11.53 -2.20
N TYR H 89 -8.24 11.38 -1.31
CA TYR H 89 -8.23 10.23 -0.40
C TYR H 89 -8.52 8.93 -1.13
N ALA H 90 -9.37 8.98 -2.15
CA ALA H 90 -9.65 7.77 -2.90
C ALA H 90 -8.45 7.37 -3.74
N LEU H 91 -7.71 8.35 -4.26
CA LEU H 91 -6.50 7.99 -4.98
C LEU H 91 -5.38 7.59 -4.04
N LYS H 92 -5.44 8.04 -2.78
CA LYS H 92 -4.43 7.64 -1.83
C LYS H 92 -4.65 6.20 -1.40
N ARG H 93 -5.90 5.73 -1.47
CA ARG H 93 -6.18 4.35 -1.13
C ARG H 93 -5.86 3.38 -2.25
N GLN H 94 -5.24 3.86 -3.34
CA GLN H 94 -4.77 3.00 -4.41
C GLN H 94 -3.27 3.18 -4.65
N GLY H 95 -2.57 3.91 -3.80
CA GLY H 95 -1.18 4.19 -4.05
C GLY H 95 -0.98 5.12 -5.23
N ARG H 96 -1.78 6.18 -5.30
CA ARG H 96 -1.74 7.15 -6.39
C ARG H 96 -1.86 8.56 -5.80
N THR H 97 -1.02 8.87 -4.82
CA THR H 97 -1.12 10.17 -4.15
C THR H 97 -1.09 11.32 -5.14
N LEU H 98 -1.98 12.28 -4.94
CA LEU H 98 -2.15 13.43 -5.83
C LEU H 98 -1.87 14.72 -5.10
N TYR H 99 -0.85 15.47 -5.54
CA TYR H 99 -0.47 16.71 -4.90
C TYR H 99 -1.14 17.88 -5.60
N GLY H 100 -1.55 18.88 -4.84
CA GLY H 100 -2.11 20.09 -5.40
C GLY H 100 -3.58 20.35 -5.13
N PHE H 101 -4.16 19.75 -4.10
CA PHE H 101 -5.57 19.95 -3.79
C PHE H 101 -5.77 20.09 -2.28
N SER I 21 -24.79 -10.70 28.82
CA SER I 21 -23.60 -10.63 28.00
C SER I 21 -23.91 -10.06 26.62
N ARG I 22 -23.11 -9.08 26.19
CA ARG I 22 -23.38 -8.36 24.95
C ARG I 22 -23.18 -9.24 23.72
N THR I 23 -22.37 -10.31 23.84
CA THR I 23 -22.20 -11.22 22.71
C THR I 23 -23.46 -12.01 22.44
N VAL I 24 -24.09 -12.54 23.49
CA VAL I 24 -25.36 -13.24 23.28
C VAL I 24 -26.45 -12.23 22.96
N ARG I 25 -26.37 -11.03 23.53
CA ARG I 25 -27.38 -10.01 23.28
C ARG I 25 -27.34 -9.56 21.82
N ALA I 26 -26.14 -9.41 21.26
CA ALA I 26 -25.98 -9.14 19.84
C ALA I 26 -26.11 -10.38 18.96
N GLU I 27 -26.24 -11.57 19.56
CA GLU I 27 -26.35 -12.83 18.83
C GLU I 27 -25.15 -13.04 17.91
N LEU I 28 -23.97 -13.01 18.53
CA LEU I 28 -22.71 -13.23 17.84
C LEU I 28 -21.98 -14.43 18.43
N SER I 29 -20.87 -14.79 17.80
CA SER I 29 -20.01 -15.85 18.28
C SER I 29 -18.66 -15.35 18.77
N PHE I 30 -18.25 -14.16 18.32
CA PHE I 30 -17.04 -13.53 18.81
C PHE I 30 -17.39 -12.69 20.02
N SER I 31 -16.44 -12.52 20.92
CA SER I 31 -16.71 -11.71 22.09
C SER I 31 -16.59 -10.24 21.73
N VAL I 32 -17.66 -9.48 21.99
CA VAL I 32 -17.61 -8.05 21.74
C VAL I 32 -16.64 -7.40 22.72
N SER I 33 -16.58 -7.91 23.96
CA SER I 33 -15.79 -7.24 24.98
C SER I 33 -14.31 -7.40 24.70
N GLN I 34 -13.93 -8.45 23.98
CA GLN I 34 -12.53 -8.61 23.63
C GLN I 34 -12.17 -7.74 22.45
N VAL I 35 -13.10 -7.53 21.51
CA VAL I 35 -12.83 -6.61 20.42
C VAL I 35 -12.74 -5.19 20.96
N GLU I 36 -13.59 -4.84 21.92
CA GLU I 36 -13.49 -3.51 22.53
C GLU I 36 -12.19 -3.37 23.32
N ARG I 37 -11.77 -4.44 24.00
CA ARG I 37 -10.54 -4.39 24.76
C ARG I 37 -9.32 -4.34 23.85
N SER I 38 -9.42 -4.91 22.65
CA SER I 38 -8.33 -4.82 21.68
C SER I 38 -8.32 -3.48 20.97
N LEU I 39 -9.47 -2.80 20.94
CA LEU I 39 -9.49 -1.45 20.42
C LEU I 39 -8.93 -0.49 21.46
N ARG I 40 -9.06 -0.83 22.74
CA ARG I 40 -8.49 -0.02 23.81
C ARG I 40 -6.97 -0.18 23.88
N GLU I 41 -6.45 -1.41 23.75
CA GLU I 41 -5.00 -1.55 23.82
C GLU I 41 -4.29 -1.12 22.54
N GLY I 42 -5.03 -0.86 21.48
CA GLY I 42 -4.44 -0.35 20.26
C GLY I 42 -4.43 1.16 20.27
N HIS I 43 -5.26 1.75 21.12
CA HIS I 43 -5.38 3.22 21.24
C HIS I 43 -5.66 3.84 19.88
N TYR I 44 -6.66 3.28 19.21
CA TYR I 44 -7.07 3.76 17.89
C TYR I 44 -7.84 5.07 17.95
N ALA I 45 -8.37 5.44 19.12
CA ALA I 45 -8.99 6.73 19.32
C ALA I 45 -8.86 7.11 20.78
N GLN I 46 -9.58 8.15 21.18
CA GLN I 46 -9.60 8.56 22.58
C GLN I 46 -10.77 7.94 23.33
N ARG I 47 -11.85 7.63 22.62
CA ARG I 47 -13.06 7.12 23.25
C ARG I 47 -13.81 6.33 22.18
N LEU I 48 -14.28 5.14 22.53
CA LEU I 48 -14.98 4.33 21.56
C LEU I 48 -16.46 4.70 21.62
N SER I 49 -17.30 3.89 20.99
CA SER I 49 -18.73 4.08 21.02
C SER I 49 -19.37 2.93 21.79
N ARG I 50 -20.69 2.98 21.86
CA ARG I 50 -21.42 1.91 22.55
C ARG I 50 -21.52 0.68 21.67
N THR I 51 -21.97 0.88 20.48
CA THR I 51 -22.26 -0.24 19.60
C THR I 51 -21.19 -0.42 18.53
N ALA I 52 -20.03 0.18 18.70
CA ALA I 52 -19.02 -0.04 17.67
C ALA I 52 -18.38 -1.41 17.74
N PRO I 53 -18.09 -1.96 18.92
CA PRO I 53 -17.52 -3.31 18.94
C PRO I 53 -18.54 -4.38 18.61
N VAL I 54 -19.84 -4.14 18.76
CA VAL I 54 -20.79 -5.15 18.34
C VAL I 54 -20.80 -5.23 16.81
N TYR I 55 -20.68 -4.09 16.15
CA TYR I 55 -20.65 -4.08 14.69
C TYR I 55 -19.35 -4.70 14.20
N LEU I 56 -18.24 -4.42 14.89
CA LEU I 56 -16.99 -4.95 14.40
C LEU I 56 -16.89 -6.44 14.67
N ALA I 57 -17.49 -6.92 15.75
CA ALA I 57 -17.47 -8.35 15.98
C ALA I 57 -18.45 -9.06 15.07
N ALA I 58 -19.49 -8.37 14.59
CA ALA I 58 -20.37 -9.07 13.68
C ALA I 58 -19.79 -9.09 12.27
N VAL I 59 -18.95 -8.11 11.93
CA VAL I 59 -18.33 -8.20 10.61
C VAL I 59 -17.20 -9.21 10.62
N ILE I 60 -16.38 -9.25 11.68
CA ILE I 60 -15.34 -10.25 11.67
C ILE I 60 -15.95 -11.64 11.81
N GLU I 61 -17.10 -11.74 12.49
CA GLU I 61 -17.76 -13.02 12.58
C GLU I 61 -18.28 -13.42 11.21
N TYR I 62 -18.75 -12.46 10.43
CA TYR I 62 -19.22 -12.81 9.10
C TYR I 62 -18.07 -13.26 8.22
N LEU I 63 -16.91 -12.62 8.34
CA LEU I 63 -15.81 -13.04 7.48
C LEU I 63 -15.26 -14.40 7.88
N THR I 64 -15.28 -14.71 9.18
CA THR I 64 -14.83 -16.03 9.57
C THR I 64 -15.85 -17.09 9.19
N ALA I 65 -17.13 -16.78 9.32
CA ALA I 65 -18.16 -17.74 8.93
C ALA I 65 -18.39 -17.75 7.43
N LYS I 66 -17.67 -16.93 6.67
CA LYS I 66 -17.68 -17.07 5.23
C LYS I 66 -16.44 -17.78 4.72
N VAL I 67 -15.30 -17.62 5.39
CA VAL I 67 -14.12 -18.39 4.98
C VAL I 67 -14.21 -19.82 5.47
N LEU I 68 -14.60 -20.04 6.73
CA LEU I 68 -14.65 -21.41 7.21
C LEU I 68 -15.87 -22.13 6.70
N GLU I 69 -16.87 -21.41 6.19
CA GLU I 69 -17.97 -22.09 5.54
C GLU I 69 -17.49 -22.72 4.24
N LEU I 70 -16.53 -22.08 3.59
CA LEU I 70 -16.04 -22.60 2.33
C LEU I 70 -14.96 -23.63 2.57
N ALA I 71 -14.21 -23.50 3.65
CA ALA I 71 -13.24 -24.53 3.98
C ALA I 71 -13.95 -25.82 4.41
N GLY I 72 -15.07 -25.68 5.12
CA GLY I 72 -15.87 -26.85 5.44
C GLY I 72 -16.68 -27.37 4.29
N ASN I 73 -16.97 -26.52 3.30
CA ASN I 73 -17.60 -27.03 2.09
C ASN I 73 -16.61 -27.77 1.21
N GLU I 74 -15.35 -27.32 1.19
CA GLU I 74 -14.34 -27.94 0.36
C GLU I 74 -13.73 -29.17 0.99
N ALA I 75 -13.77 -29.28 2.32
CA ALA I 75 -13.26 -30.49 2.93
C ALA I 75 -14.19 -31.66 2.67
N GLN I 76 -15.49 -31.40 2.61
CA GLN I 76 -16.45 -32.45 2.29
C GLN I 76 -16.67 -32.60 0.80
N ASN I 77 -16.28 -31.59 0.02
CA ASN I 77 -16.21 -31.86 -1.44
C ASN I 77 -15.03 -32.85 -1.66
N SER I 78 -14.45 -33.33 -0.55
CA SER I 78 -13.30 -34.27 -0.42
C SER I 78 -13.52 -35.16 0.83
N GLY I 79 -12.66 -36.16 1.04
CA GLY I 79 -12.82 -37.11 2.17
C GLY I 79 -12.14 -36.69 3.46
N GLU I 80 -11.52 -35.50 3.52
CA GLU I 80 -10.79 -35.03 4.74
C GLU I 80 -11.72 -34.80 5.94
N ARG I 81 -11.17 -34.90 7.15
CA ARG I 81 -11.89 -34.71 8.41
C ARG I 81 -11.58 -33.34 9.02
N ASN I 82 -10.31 -33.06 9.30
CA ASN I 82 -9.97 -31.74 9.82
C ASN I 82 -9.84 -30.73 8.68
N ILE I 83 -9.45 -29.50 9.04
CA ILE I 83 -9.14 -28.44 8.10
C ILE I 83 -7.67 -28.10 8.22
N THR I 84 -6.91 -28.40 7.19
CA THR I 84 -5.48 -28.14 7.08
C THR I 84 -5.24 -26.80 6.40
N PRO I 85 -4.04 -26.24 6.55
CA PRO I 85 -3.71 -25.01 5.80
C PRO I 85 -3.69 -25.18 4.30
N LEU I 86 -3.58 -26.39 3.79
CA LEU I 86 -3.69 -26.57 2.35
C LEU I 86 -5.11 -26.29 1.87
N LEU I 87 -6.10 -26.53 2.73
CA LEU I 87 -7.47 -26.21 2.35
C LEU I 87 -7.68 -24.71 2.33
N LEU I 88 -7.06 -24.00 3.27
CA LEU I 88 -7.20 -22.55 3.30
C LEU I 88 -6.51 -21.92 2.09
N ASP I 89 -5.33 -22.43 1.75
CA ASP I 89 -4.60 -21.89 0.61
C ASP I 89 -5.32 -22.22 -0.70
N MET I 90 -5.94 -23.39 -0.78
CA MET I 90 -6.66 -23.71 -2.02
C MET I 90 -7.95 -22.91 -2.14
N VAL I 91 -8.62 -22.63 -1.02
CA VAL I 91 -9.90 -21.93 -1.11
C VAL I 91 -9.71 -20.44 -1.35
N VAL I 92 -8.85 -19.78 -0.54
CA VAL I 92 -8.86 -18.32 -0.54
C VAL I 92 -8.26 -17.69 -1.79
N HIS I 93 -7.47 -18.42 -2.57
CA HIS I 93 -6.98 -17.86 -3.82
C HIS I 93 -7.81 -18.27 -5.03
N ASN I 94 -8.62 -19.30 -4.89
CA ASN I 94 -9.75 -19.57 -5.77
C ASN I 94 -10.95 -18.86 -5.15
N ASP I 95 -12.17 -19.19 -5.61
CA ASP I 95 -13.38 -18.73 -4.93
C ASP I 95 -13.47 -17.20 -4.91
N ARG I 96 -13.76 -16.66 -6.09
CA ARG I 96 -13.76 -15.22 -6.37
C ARG I 96 -14.60 -14.43 -5.38
N LEU I 97 -15.35 -15.12 -4.53
CA LEU I 97 -16.07 -14.46 -3.45
C LEU I 97 -15.13 -13.69 -2.53
N LEU I 98 -14.05 -14.33 -2.08
CA LEU I 98 -13.09 -13.69 -1.19
C LEU I 98 -11.66 -13.72 -1.73
N SER I 99 -11.47 -14.02 -3.02
CA SER I 99 -10.13 -14.00 -3.59
C SER I 99 -9.60 -12.59 -3.79
N THR I 100 -10.48 -11.58 -3.79
CA THR I 100 -9.99 -10.21 -3.90
C THR I 100 -9.35 -9.74 -2.60
N LEU I 101 -9.81 -10.27 -1.47
CA LEU I 101 -9.23 -9.95 -0.17
C LEU I 101 -7.83 -10.51 0.02
N PHE I 102 -7.48 -11.58 -0.70
CA PHE I 102 -6.20 -12.27 -0.54
C PHE I 102 -5.37 -12.20 -1.81
N ASN I 103 -5.30 -11.02 -2.45
CA ASN I 103 -4.41 -10.88 -3.60
C ASN I 103 -2.95 -10.92 -3.18
N THR I 104 -2.66 -10.38 -1.99
CA THR I 104 -1.30 -10.18 -1.52
C THR I 104 -1.01 -10.98 -0.25
N THR I 105 -1.71 -12.09 -0.05
CA THR I 105 -1.47 -12.93 1.11
C THR I 105 -0.80 -14.23 0.70
N THR I 106 -0.15 -14.86 1.68
CA THR I 106 0.56 -16.12 1.49
C THR I 106 0.36 -16.97 2.74
N ILE I 107 -0.40 -18.05 2.63
CA ILE I 107 -0.50 -18.98 3.74
C ILE I 107 0.77 -19.81 3.79
N SER I 108 1.36 -19.92 5.00
CA SER I 108 2.75 -20.35 5.08
C SER I 108 2.91 -21.86 4.84
N GLN I 109 1.95 -22.66 5.28
CA GLN I 109 1.96 -24.10 5.11
C GLN I 109 3.16 -24.77 5.80
N VAL I 110 3.82 -24.05 6.71
CA VAL I 110 4.88 -24.63 7.53
C VAL I 110 4.66 -24.22 8.99
N SER J 37 -4.91 -15.36 20.67
CA SER J 37 -5.89 -14.52 21.35
C SER J 37 -7.30 -14.84 20.88
N TYR J 38 -7.51 -14.76 19.57
CA TYR J 38 -8.83 -14.94 18.97
C TYR J 38 -9.09 -16.38 18.57
N SER J 39 -8.22 -17.31 18.96
CA SER J 39 -8.32 -18.69 18.50
C SER J 39 -9.46 -19.44 19.18
N ILE J 40 -9.92 -18.96 20.34
CA ILE J 40 -10.97 -19.67 21.06
C ILE J 40 -12.33 -19.42 20.43
N TYR J 41 -12.46 -18.35 19.66
CA TYR J 41 -13.73 -18.02 19.01
C TYR J 41 -13.81 -18.50 17.57
N VAL J 42 -12.66 -18.75 16.93
CA VAL J 42 -12.67 -19.32 15.60
C VAL J 42 -13.24 -20.74 15.64
N TYR J 43 -12.87 -21.51 16.65
CA TYR J 43 -13.43 -22.84 16.82
C TYR J 43 -14.88 -22.78 17.24
N LYS J 44 -15.28 -21.72 17.92
CA LYS J 44 -16.67 -21.59 18.33
C LYS J 44 -17.57 -21.23 17.17
N VAL J 45 -17.09 -20.43 16.22
CA VAL J 45 -17.88 -20.22 15.01
C VAL J 45 -17.83 -21.45 14.12
N LEU J 46 -16.71 -22.19 14.14
CA LEU J 46 -16.63 -23.38 13.30
C LEU J 46 -17.57 -24.47 13.79
N LYS J 47 -17.87 -24.49 15.09
CA LYS J 47 -18.86 -25.44 15.59
C LYS J 47 -20.26 -25.11 15.10
N GLN J 48 -20.52 -23.86 14.72
CA GLN J 48 -21.82 -23.48 14.18
C GLN J 48 -21.90 -23.70 12.68
N VAL J 49 -20.83 -23.38 11.96
CA VAL J 49 -20.85 -23.46 10.50
C VAL J 49 -20.62 -24.89 10.03
N HIS J 50 -19.78 -25.64 10.74
CA HIS J 50 -19.54 -27.05 10.43
C HIS J 50 -19.26 -27.78 11.73
N PRO J 51 -20.31 -28.28 12.39
CA PRO J 51 -20.13 -29.00 13.66
C PRO J 51 -19.46 -30.34 13.51
N ASP J 52 -19.30 -30.84 12.29
CA ASP J 52 -18.68 -32.13 12.07
C ASP J 52 -17.24 -32.00 11.61
N THR J 53 -16.89 -30.91 10.94
CA THR J 53 -15.55 -30.74 10.41
C THR J 53 -14.66 -30.04 11.42
N GLY J 54 -13.51 -30.65 11.71
CA GLY J 54 -12.53 -30.11 12.62
C GLY J 54 -11.51 -29.26 11.90
N ILE J 55 -10.58 -28.69 12.68
CA ILE J 55 -9.57 -27.80 12.15
C ILE J 55 -8.23 -28.18 12.74
N SER J 56 -7.16 -27.89 11.99
CA SER J 56 -5.80 -28.24 12.40
C SER J 56 -5.27 -27.23 13.41
N SER J 57 -3.99 -27.35 13.75
CA SER J 57 -3.38 -26.43 14.69
C SER J 57 -2.60 -25.33 13.99
N LYS J 58 -2.14 -25.57 12.77
CA LYS J 58 -1.52 -24.49 12.01
C LYS J 58 -2.59 -23.62 11.36
N ALA J 59 -3.72 -24.23 10.99
CA ALA J 59 -4.79 -23.46 10.38
C ALA J 59 -5.48 -22.56 11.40
N MET J 60 -5.39 -22.92 12.68
CA MET J 60 -5.91 -22.03 13.72
C MET J 60 -5.01 -20.81 13.88
N GLY J 61 -3.70 -20.99 13.73
CA GLY J 61 -2.81 -19.84 13.77
C GLY J 61 -2.94 -18.99 12.53
N ILE J 62 -3.32 -19.61 11.40
CA ILE J 62 -3.52 -18.84 10.20
C ILE J 62 -4.80 -18.03 10.29
N MET J 63 -5.86 -18.64 10.81
CA MET J 63 -7.10 -17.89 10.97
C MET J 63 -6.98 -16.86 12.09
N ASN J 64 -6.08 -17.08 13.05
CA ASN J 64 -5.89 -16.09 14.11
C ASN J 64 -5.04 -14.92 13.63
N SER J 65 -4.12 -15.16 12.69
CA SER J 65 -3.40 -14.03 12.13
C SER J 65 -4.26 -13.31 11.11
N PHE J 66 -5.18 -14.03 10.47
CA PHE J 66 -6.13 -13.39 9.58
C PHE J 66 -7.08 -12.48 10.35
N VAL J 67 -7.55 -12.94 11.51
CA VAL J 67 -8.46 -12.12 12.28
C VAL J 67 -7.74 -10.93 12.91
N ASN J 68 -6.52 -11.14 13.44
CA ASN J 68 -5.81 -9.98 13.98
C ASN J 68 -5.35 -9.02 12.90
N ASP J 69 -5.30 -9.47 11.65
CA ASP J 69 -4.94 -8.55 10.59
C ASP J 69 -6.14 -7.77 10.09
N ILE J 70 -7.28 -8.44 9.88
CA ILE J 70 -8.42 -7.67 9.41
C ILE J 70 -9.00 -6.83 10.54
N PHE J 71 -8.64 -7.13 11.78
CA PHE J 71 -8.99 -6.24 12.88
C PHE J 71 -8.08 -5.02 12.91
N GLU J 72 -6.76 -5.22 12.77
CA GLU J 72 -5.90 -4.05 12.89
C GLU J 72 -5.88 -3.24 11.60
N ARG J 73 -6.52 -3.75 10.55
CA ARG J 73 -6.75 -3.00 9.33
C ARG J 73 -8.05 -2.22 9.40
N ILE J 74 -9.13 -2.83 9.90
CA ILE J 74 -10.39 -2.09 9.98
C ILE J 74 -10.29 -0.99 11.03
N ALA J 75 -9.67 -1.30 12.17
CA ALA J 75 -9.54 -0.28 13.20
C ALA J 75 -8.59 0.83 12.78
N GLY J 76 -7.62 0.53 11.92
CA GLY J 76 -6.69 1.55 11.47
C GLY J 76 -7.37 2.44 10.45
N GLU J 77 -8.22 1.85 9.63
CA GLU J 77 -8.95 2.65 8.66
C GLU J 77 -9.97 3.51 9.36
N ALA J 78 -10.59 2.99 10.43
CA ALA J 78 -11.54 3.81 11.17
C ALA J 78 -10.86 4.85 12.02
N SER J 79 -9.59 4.67 12.38
CA SER J 79 -8.92 5.77 13.07
C SER J 79 -8.50 6.85 12.10
N ARG J 80 -8.17 6.48 10.86
CA ARG J 80 -7.86 7.53 9.89
C ARG J 80 -9.13 8.27 9.51
N LEU J 81 -10.27 7.57 9.47
CA LEU J 81 -11.53 8.26 9.19
C LEU J 81 -12.02 9.09 10.36
N ALA J 82 -11.66 8.72 11.59
CA ALA J 82 -11.95 9.60 12.72
C ALA J 82 -11.02 10.79 12.77
N HIS J 83 -9.85 10.70 12.14
CA HIS J 83 -8.95 11.85 12.08
C HIS J 83 -9.29 12.79 10.91
N TYR J 84 -9.75 12.23 9.79
CA TYR J 84 -10.07 13.06 8.64
C TYR J 84 -11.28 13.97 8.89
N ASN J 85 -12.19 13.54 9.75
CA ASN J 85 -13.35 14.33 10.18
C ASN J 85 -13.14 15.03 11.50
N LYS J 86 -11.95 14.95 12.07
CA LYS J 86 -11.60 15.66 13.30
C LYS J 86 -12.50 15.25 14.45
N ARG J 87 -13.01 14.02 14.41
CA ARG J 87 -13.75 13.49 15.56
C ARG J 87 -12.77 12.89 16.57
N SER J 88 -13.32 12.39 17.67
CA SER J 88 -12.56 11.70 18.69
C SER J 88 -13.11 10.33 19.04
N THR J 89 -14.37 10.05 18.71
CA THR J 89 -15.03 8.79 19.03
C THR J 89 -15.22 7.94 17.78
N ILE J 90 -14.66 6.73 17.79
CA ILE J 90 -14.94 5.76 16.74
C ILE J 90 -16.32 5.21 17.04
N THR J 91 -17.29 5.55 16.20
CA THR J 91 -18.64 5.05 16.35
C THR J 91 -18.77 3.84 15.43
N SER J 92 -19.98 3.31 15.29
CA SER J 92 -20.17 2.23 14.35
C SER J 92 -20.20 2.73 12.92
N ARG J 93 -20.29 4.05 12.74
CA ARG J 93 -20.37 4.58 11.39
C ARG J 93 -19.00 4.64 10.76
N GLU J 94 -17.96 4.88 11.56
CA GLU J 94 -16.61 4.79 11.01
C GLU J 94 -16.19 3.35 10.76
N ILE J 95 -16.81 2.40 11.44
CA ILE J 95 -16.54 1.00 11.13
C ILE J 95 -17.27 0.60 9.86
N GLN J 96 -18.49 1.11 9.66
CA GLN J 96 -19.20 0.79 8.43
C GLN J 96 -18.52 1.40 7.23
N THR J 97 -17.91 2.57 7.40
CA THR J 97 -17.19 3.16 6.28
C THR J 97 -15.85 2.47 6.05
N ALA J 98 -15.17 2.06 7.12
CA ALA J 98 -13.92 1.34 6.89
C ALA J 98 -14.17 -0.04 6.31
N VAL J 99 -15.34 -0.63 6.54
CA VAL J 99 -15.69 -1.87 5.87
C VAL J 99 -16.03 -1.62 4.41
N ARG J 100 -16.71 -0.50 4.13
CA ARG J 100 -16.98 -0.20 2.73
C ARG J 100 -15.70 0.08 1.97
N LEU J 101 -14.72 0.70 2.63
CA LEU J 101 -13.46 1.02 1.96
C LEU J 101 -12.58 -0.21 1.79
N LEU J 102 -12.46 -1.04 2.82
CA LEU J 102 -11.46 -2.10 2.76
C LEU J 102 -11.95 -3.29 1.95
N LEU J 103 -13.15 -3.77 2.22
CA LEU J 103 -13.63 -4.97 1.56
C LEU J 103 -14.20 -4.62 0.19
N PRO J 104 -13.85 -5.34 -0.86
CA PRO J 104 -14.34 -4.97 -2.19
C PRO J 104 -15.69 -5.60 -2.51
N GLY J 105 -16.68 -4.77 -2.79
CA GLY J 105 -17.89 -5.24 -3.44
C GLY J 105 -18.86 -6.00 -2.57
N GLU J 106 -19.14 -7.24 -2.99
CA GLU J 106 -20.16 -8.02 -2.31
C GLU J 106 -19.75 -8.38 -0.89
N LEU J 107 -18.45 -8.49 -0.64
CA LEU J 107 -18.02 -8.74 0.74
C LEU J 107 -18.28 -7.52 1.61
N ALA J 108 -18.18 -6.32 1.03
CA ALA J 108 -18.51 -5.13 1.82
C ALA J 108 -20.02 -5.02 2.01
N LYS J 109 -20.82 -5.46 1.04
CA LYS J 109 -22.25 -5.33 1.21
C LYS J 109 -22.76 -6.32 2.25
N HIS J 110 -22.15 -7.50 2.31
CA HIS J 110 -22.60 -8.47 3.30
C HIS J 110 -22.03 -8.17 4.67
N ALA J 111 -20.81 -7.64 4.76
CA ALA J 111 -20.30 -7.28 6.08
C ALA J 111 -21.04 -6.09 6.66
N VAL J 112 -21.46 -5.13 5.82
CA VAL J 112 -22.28 -4.03 6.35
C VAL J 112 -23.65 -4.53 6.74
N SER J 113 -24.23 -5.46 5.97
CA SER J 113 -25.54 -5.95 6.34
C SER J 113 -25.50 -6.76 7.63
N GLU J 114 -24.40 -7.49 7.87
CA GLU J 114 -24.29 -8.28 9.09
C GLU J 114 -23.98 -7.41 10.30
N GLY J 115 -23.24 -6.33 10.10
CA GLY J 115 -22.96 -5.45 11.23
C GLY J 115 -24.19 -4.65 11.58
N THR J 116 -24.99 -4.29 10.57
CA THR J 116 -26.21 -3.52 10.84
C THR J 116 -27.26 -4.39 11.49
N LYS J 117 -27.40 -5.62 11.03
CA LYS J 117 -28.38 -6.52 11.63
C LYS J 117 -27.80 -7.21 12.85
N ALA J 118 -26.61 -6.82 13.29
CA ALA J 118 -26.18 -7.17 14.63
C ALA J 118 -26.27 -6.01 15.61
N VAL J 119 -26.04 -4.77 15.16
CA VAL J 119 -26.26 -3.63 16.05
C VAL J 119 -27.73 -3.42 16.34
N THR J 120 -28.61 -3.63 15.34
CA THR J 120 -30.03 -3.46 15.62
C THR J 120 -30.54 -4.55 16.55
N LYS J 121 -30.09 -5.79 16.36
CA LYS J 121 -30.44 -6.84 17.31
C LYS J 121 -29.81 -6.60 18.68
N TYR J 122 -28.71 -5.85 18.74
CA TYR J 122 -28.11 -5.53 20.03
C TYR J 122 -28.91 -4.49 20.80
N THR J 123 -29.34 -3.43 20.12
CA THR J 123 -30.03 -2.35 20.84
C THR J 123 -31.41 -2.78 21.32
N SER J 124 -32.04 -3.73 20.64
CA SER J 124 -33.36 -4.20 21.04
C SER J 124 -33.28 -5.14 22.24
#